data_4HM2
#
_entry.id   4HM2
#
_cell.length_a   140.036
_cell.length_b   140.036
_cell.length_c   208.288
_cell.angle_alpha   90.000
_cell.angle_beta   90.000
_cell.angle_gamma   120.000
#
_symmetry.space_group_name_H-M   'H 3 2'
#
loop_
_entity.id
_entity.type
_entity.pdbx_description
1 polymer 'Naphthalene 1,2-dioxygenase subunit alpha'
2 polymer 'Naphthalene 1,2-dioxygenase subunit beta'
3 non-polymer 1,2-ETHANEDIOL
4 non-polymer 'SULFATE ION'
5 non-polymer 'FE2/S2 (INORGANIC) CLUSTER'
6 non-polymer 'FE (III) ION'
7 non-polymer (ethylsulfanyl)benzene
8 water water
#
loop_
_entity_poly.entity_id
_entity_poly.type
_entity_poly.pdbx_seq_one_letter_code
_entity_poly.pdbx_strand_id
1 'polypeptide(L)'
;MNYNNKILVSESGLSQKHLIHGDEELFQHELKTIFARNWLFLTHDSLIPAPGDYVTAKMGIDEVIVSRQNDGSIRAFLNV
CRHRGKTLVSVEAGNAKGFVCSYHGWGFGSNGELQSVPFEKDLYGESLNKKCLGLKEVARVESFHGFIYGCFDQEAPPLM
DYLGDAAWYLEPMFKHSGGLELVGPPGKVVIKANWKAPAENFVGDAYHVGWTHASSLRSGESIFSSLAGNAALPPEGAGL
QMTSKYGSGMGVLWDGYSGVHSADLVPELMAFGGAKQERLNKEIGDVRARIYRSHLNCTVFPNNSMLTCSGVFKVWNPID
ANTTEVWTYAIVEKDMPEDLKRRLADSVQRTFGPAGFWESDDNDNMETASQNGKKYQSRDSDLLSNLGFGEDVYGDAVYP
GVVGKSAIGETSYRGFYRAYQAHVSSSNWAEFEHASSTWHTELTKTTDR
;
A
2 'polypeptide(L)'
;MMINIQEDKLVSAHDAEEILRFFNCHDSALQQEATTLLTQEAHLLDIQAYRAWLEHCVGSEVQYQVISRELRAASERRYK
LNEAMNVYNENFQQLKVRVEHQLDPQNWGNSPKLRFTRFITNVQAAMDVNDKELLHIRSNVILHRARRGNQVDVFYAARE
DKWKRGEGGVRKLVQRFVDYPERILQTHNLMVFL
;
B
#
loop_
_chem_comp.id
_chem_comp.type
_chem_comp.name
_chem_comp.formula
16M non-polymer (ethylsulfanyl)benzene 'C8 H10 S'
EDO non-polymer 1,2-ETHANEDIOL 'C2 H6 O2'
FE non-polymer 'FE (III) ION' 'Fe 3'
FES non-polymer 'FE2/S2 (INORGANIC) CLUSTER' 'Fe2 S2'
SO4 non-polymer 'SULFATE ION' 'O4 S -2'
#
# COMPACT_ATOMS: atom_id res chain seq x y z
N MET A 1 29.68 13.83 3.48
CA MET A 1 28.92 14.60 4.45
C MET A 1 29.14 14.05 5.86
N ASN A 2 29.41 14.94 6.82
CA ASN A 2 29.58 14.52 8.21
C ASN A 2 28.24 14.52 8.93
N TYR A 3 27.67 13.34 9.16
CA TYR A 3 26.32 13.23 9.72
C TYR A 3 26.27 13.55 11.21
N ASN A 4 27.43 13.59 11.86
CA ASN A 4 27.47 14.00 13.26
C ASN A 4 27.20 15.49 13.41
N ASN A 5 27.60 16.27 12.40
CA ASN A 5 27.59 17.73 12.48
C ASN A 5 26.60 18.41 11.56
N LYS A 6 26.37 17.83 10.39
CA LYS A 6 25.52 18.44 9.37
C LYS A 6 24.10 18.63 9.90
N ILE A 7 23.62 19.88 9.89
CA ILE A 7 22.26 20.16 10.29
C ILE A 7 21.34 19.90 9.10
N LEU A 8 20.74 18.71 9.06
CA LEU A 8 19.79 18.35 8.01
C LEU A 8 18.38 18.78 8.37
N VAL A 9 18.11 18.84 9.66
CA VAL A 9 16.81 19.27 10.19
C VAL A 9 17.10 20.35 11.22
N SER A 10 16.48 21.52 11.07
CA SER A 10 16.77 22.64 11.98
C SER A 10 16.11 22.41 13.34
N GLU A 11 16.51 23.23 14.31
CA GLU A 11 15.95 23.17 15.66
C GLU A 11 14.43 23.15 15.63
N SER A 12 13.84 22.29 16.47
CA SER A 12 12.40 22.14 16.60
C SER A 12 11.75 21.52 15.36
N GLY A 13 12.57 21.02 14.44
CA GLY A 13 12.06 20.39 13.23
C GLY A 13 11.38 21.37 12.28
N LEU A 14 11.76 22.64 12.36
CA LEU A 14 11.09 23.69 11.61
C LEU A 14 11.34 23.65 10.11
N SER A 15 12.47 23.07 9.72
CA SER A 15 12.81 22.92 8.31
C SER A 15 13.77 21.77 8.09
N GLN A 16 13.84 21.28 6.85
CA GLN A 16 14.78 20.22 6.48
C GLN A 16 15.46 20.61 5.18
N LYS A 17 16.72 20.21 5.02
CA LYS A 17 17.40 20.45 3.75
C LYS A 17 16.78 19.58 2.67
N HIS A 18 16.51 20.18 1.51
CA HIS A 18 15.78 19.49 0.44
C HIS A 18 16.59 18.29 -0.05
N LEU A 19 17.91 18.34 0.09
CA LEU A 19 18.77 17.22 -0.30
C LEU A 19 18.38 15.91 0.39
N ILE A 20 17.69 15.98 1.52
CA ILE A 20 17.35 14.73 2.20
C ILE A 20 16.46 13.81 1.34
N HIS A 21 15.72 14.37 0.39
CA HIS A 21 14.89 13.53 -0.51
C HIS A 21 15.63 13.03 -1.74
N GLY A 22 16.88 13.46 -1.92
CA GLY A 22 17.58 13.13 -3.14
C GLY A 22 18.99 12.55 -3.00
N ASP A 23 19.61 12.74 -1.85
CA ASP A 23 21.03 12.41 -1.73
C ASP A 23 21.24 10.90 -1.52
N GLU A 24 21.96 10.25 -2.44
CA GLU A 24 22.14 8.80 -2.36
C GLU A 24 23.08 8.37 -1.24
N GLU A 25 24.05 9.22 -0.91
CA GLU A 25 24.93 8.91 0.23
C GLU A 25 24.12 8.91 1.51
N LEU A 26 23.20 9.86 1.64
CA LEU A 26 22.35 9.90 2.83
C LEU A 26 21.41 8.68 2.83
N PHE A 27 20.92 8.27 1.66
CA PHE A 27 20.09 7.09 1.59
C PHE A 27 20.87 5.88 2.14
N GLN A 28 22.12 5.73 1.72
CA GLN A 28 22.94 4.64 2.21
C GLN A 28 23.13 4.74 3.73
N HIS A 29 23.30 5.96 4.21
CA HIS A 29 23.45 6.19 5.65
C HIS A 29 22.17 5.87 6.40
N GLU A 30 21.02 6.11 5.76
CA GLU A 30 19.73 5.77 6.36
C GLU A 30 19.55 4.27 6.51
N LEU A 31 20.13 3.48 5.61
CA LEU A 31 20.02 2.03 5.72
C LEU A 31 20.57 1.60 7.08
N LYS A 32 21.65 2.26 7.51
CA LYS A 32 22.26 1.97 8.80
C LYS A 32 21.53 2.62 9.98
N THR A 33 21.29 3.92 9.90
CA THR A 33 20.81 4.66 11.08
C THR A 33 19.30 4.74 11.20
N ILE A 34 18.59 4.42 10.13
CA ILE A 34 17.12 4.41 10.17
C ILE A 34 16.59 2.98 10.08
N PHE A 35 16.87 2.32 8.97
CA PHE A 35 16.23 1.02 8.72
C PHE A 35 16.81 -0.16 9.51
N ALA A 36 18.12 -0.13 9.81
CA ALA A 36 18.72 -1.22 10.55
C ALA A 36 18.54 -1.01 12.05
N ARG A 37 18.04 0.17 12.44
CA ARG A 37 17.94 0.54 13.85
C ARG A 37 16.51 0.50 14.40
N ASN A 38 15.53 0.76 13.53
CA ASN A 38 14.15 0.97 13.97
C ASN A 38 13.20 -0.18 13.67
N TRP A 39 11.98 -0.09 14.20
CA TRP A 39 10.97 -1.12 14.00
C TRP A 39 10.29 -0.95 12.66
N LEU A 40 10.19 -2.05 11.91
CA LEU A 40 9.64 -2.01 10.56
C LEU A 40 8.50 -3.02 10.45
N PHE A 41 7.47 -2.67 9.68
CA PHE A 41 6.32 -3.55 9.57
C PHE A 41 6.60 -4.79 8.73
N LEU A 42 6.16 -5.95 9.21
CA LEU A 42 6.41 -7.21 8.52
C LEU A 42 5.12 -7.80 7.94
N THR A 43 4.17 -8.11 8.83
CA THR A 43 2.96 -8.79 8.42
C THR A 43 1.94 -8.72 9.55
N HIS A 44 0.82 -9.44 9.40
CA HIS A 44 -0.19 -9.50 10.44
C HIS A 44 -0.48 -10.97 10.75
N ASP A 45 -0.91 -11.26 11.98
CA ASP A 45 -1.32 -12.61 12.37
C ASP A 45 -2.25 -13.23 11.32
N SER A 46 -3.14 -12.42 10.76
CA SER A 46 -4.16 -12.91 9.85
C SER A 46 -3.58 -13.41 8.53
N LEU A 47 -2.33 -13.07 8.23
CA LEU A 47 -1.71 -13.51 6.98
C LEU A 47 -0.82 -14.74 7.19
N ILE A 48 -0.39 -14.95 8.42
CA ILE A 48 0.34 -16.19 8.77
C ILE A 48 -0.21 -16.87 10.03
N PRO A 49 -1.49 -17.25 10.02
CA PRO A 49 -2.13 -17.70 11.26
C PRO A 49 -1.74 -19.12 11.71
N ALA A 50 -1.33 -19.98 10.79
CA ALA A 50 -1.10 -21.39 11.12
C ALA A 50 0.38 -21.75 11.09
N PRO A 51 0.79 -22.74 11.90
CA PRO A 51 2.18 -23.22 11.90
C PRO A 51 2.63 -23.54 10.48
N GLY A 52 3.81 -23.05 10.11
CA GLY A 52 4.33 -23.25 8.77
C GLY A 52 3.99 -22.14 7.80
N ASP A 53 2.98 -21.34 8.11
CA ASP A 53 2.66 -20.22 7.23
C ASP A 53 3.82 -19.24 7.21
N TYR A 54 4.15 -18.71 6.04
CA TYR A 54 5.21 -17.70 5.94
C TYR A 54 4.86 -16.64 4.91
N VAL A 55 5.48 -15.48 5.02
CA VAL A 55 5.44 -14.48 3.95
C VAL A 55 6.85 -13.95 3.77
N THR A 56 7.13 -13.31 2.64
CA THR A 56 8.35 -12.51 2.53
C THR A 56 8.00 -11.04 2.74
N ALA A 57 8.95 -10.28 3.28
CA ALA A 57 8.74 -8.86 3.53
C ALA A 57 10.06 -8.15 3.31
N LYS A 58 10.01 -6.85 3.00
CA LYS A 58 11.23 -6.06 2.99
C LYS A 58 11.44 -5.42 4.36
N MET A 59 12.69 -5.33 4.77
CA MET A 59 13.10 -4.51 5.91
C MET A 59 14.20 -3.63 5.38
N GLY A 60 13.89 -2.36 5.11
CA GLY A 60 14.81 -1.54 4.33
C GLY A 60 14.96 -2.17 2.95
N ILE A 61 16.19 -2.31 2.48
CA ILE A 61 16.42 -2.98 1.20
C ILE A 61 16.64 -4.49 1.33
N ASP A 62 16.70 -4.98 2.57
CA ASP A 62 16.86 -6.41 2.79
C ASP A 62 15.52 -7.13 2.65
N GLU A 63 15.56 -8.41 2.29
CA GLU A 63 14.36 -9.22 2.27
C GLU A 63 14.40 -10.27 3.37
N VAL A 64 13.29 -10.46 4.05
CA VAL A 64 13.24 -11.46 5.12
C VAL A 64 12.10 -12.46 4.89
N ILE A 65 12.25 -13.65 5.47
CA ILE A 65 11.17 -14.64 5.51
C ILE A 65 10.58 -14.54 6.92
N VAL A 66 9.25 -14.45 7.01
CA VAL A 66 8.58 -14.27 8.30
C VAL A 66 7.67 -15.49 8.51
N SER A 67 8.00 -16.31 9.51
CA SER A 67 7.41 -17.65 9.62
C SER A 67 6.75 -17.92 10.96
N ARG A 68 5.55 -18.47 10.90
CA ARG A 68 4.86 -18.93 12.11
C ARG A 68 5.47 -20.25 12.57
N GLN A 69 5.97 -20.25 13.81
CA GLN A 69 6.61 -21.40 14.42
C GLN A 69 5.57 -22.36 14.99
N ASN A 70 6.00 -23.58 15.29
CA ASN A 70 5.10 -24.58 15.84
C ASN A 70 4.55 -24.20 17.21
N ASP A 71 5.34 -23.41 17.96
CA ASP A 71 4.92 -23.00 19.29
C ASP A 71 4.02 -21.78 19.27
N GLY A 72 3.70 -21.29 18.06
CA GLY A 72 2.79 -20.17 17.90
C GLY A 72 3.47 -18.82 17.81
N SER A 73 4.78 -18.78 18.06
CA SER A 73 5.53 -17.55 17.94
C SER A 73 5.83 -17.27 16.47
N ILE A 74 6.42 -16.11 16.19
CA ILE A 74 6.85 -15.77 14.84
C ILE A 74 8.34 -15.44 14.87
N ARG A 75 9.10 -16.00 13.93
CA ARG A 75 10.52 -15.66 13.79
C ARG A 75 10.78 -15.20 12.37
N ALA A 76 11.79 -14.36 12.18
CA ALA A 76 12.07 -13.82 10.84
C ALA A 76 13.55 -13.94 10.54
N PHE A 77 13.86 -14.20 9.28
CA PHE A 77 15.22 -14.50 8.87
C PHE A 77 15.52 -13.85 7.53
N LEU A 78 16.78 -13.45 7.33
CA LEU A 78 17.23 -12.99 6.01
C LEU A 78 16.93 -14.05 4.97
N ASN A 79 16.39 -13.63 3.84
CA ASN A 79 16.07 -14.53 2.74
C ASN A 79 17.31 -14.80 1.90
N VAL A 80 18.36 -15.27 2.56
CA VAL A 80 19.66 -15.45 1.92
C VAL A 80 20.28 -16.74 2.41
N CYS A 81 20.69 -17.60 1.49
CA CYS A 81 21.31 -18.88 1.87
C CYS A 81 22.66 -18.69 2.52
N ARG A 82 22.95 -19.47 3.56
CA ARG A 82 24.21 -19.34 4.32
C ARG A 82 25.42 -19.96 3.61
N HIS A 83 25.17 -20.65 2.50
CA HIS A 83 26.25 -21.27 1.73
C HIS A 83 26.87 -20.21 0.83
N ARG A 84 26.28 -20.00 -0.34
CA ARG A 84 26.84 -19.00 -1.24
C ARG A 84 25.88 -17.88 -1.63
N GLY A 85 24.91 -17.63 -0.76
CA GLY A 85 24.17 -16.37 -0.74
C GLY A 85 23.02 -16.21 -1.71
N LYS A 86 22.53 -17.32 -2.24
CA LYS A 86 21.39 -17.29 -3.18
C LYS A 86 20.10 -16.91 -2.43
N THR A 87 19.14 -16.29 -3.11
CA THR A 87 17.85 -16.00 -2.47
C THR A 87 17.06 -17.28 -2.24
N LEU A 88 16.73 -17.55 -0.99
CA LEU A 88 16.13 -18.83 -0.61
C LEU A 88 14.70 -18.98 -1.15
N VAL A 89 13.86 -18.00 -0.84
CA VAL A 89 12.43 -18.06 -1.17
C VAL A 89 12.06 -17.05 -2.25
N SER A 90 11.40 -17.53 -3.30
CA SER A 90 11.08 -16.66 -4.43
C SER A 90 9.59 -16.34 -4.55
N VAL A 91 8.80 -16.82 -3.60
CA VAL A 91 7.37 -16.53 -3.58
C VAL A 91 7.06 -15.54 -2.47
N GLU A 92 5.81 -15.08 -2.40
CA GLU A 92 5.44 -14.02 -1.47
C GLU A 92 4.77 -14.56 -0.20
N ALA A 93 4.16 -15.74 -0.30
CA ALA A 93 3.47 -16.34 0.82
C ALA A 93 3.32 -17.83 0.56
N GLY A 94 3.16 -18.60 1.64
CA GLY A 94 2.88 -20.02 1.51
C GLY A 94 2.88 -20.71 2.85
N ASN A 95 2.93 -22.04 2.81
CA ASN A 95 3.06 -22.85 4.01
C ASN A 95 4.10 -23.94 3.79
N ALA A 96 5.08 -24.01 4.68
CA ALA A 96 6.17 -24.99 4.56
C ALA A 96 6.82 -25.26 5.91
N LYS A 97 7.43 -26.42 6.05
CA LYS A 97 8.17 -26.73 7.27
C LYS A 97 9.63 -26.33 7.12
N GLY A 98 9.98 -25.90 5.91
CA GLY A 98 11.35 -25.52 5.62
C GLY A 98 11.51 -24.97 4.23
N PHE A 99 12.73 -24.52 3.94
CA PHE A 99 13.04 -23.89 2.66
C PHE A 99 14.32 -24.50 2.13
N VAL A 100 14.27 -25.00 0.90
CA VAL A 100 15.43 -25.61 0.27
C VAL A 100 16.00 -24.69 -0.80
N CYS A 101 17.31 -24.47 -0.74
CA CYS A 101 17.98 -23.61 -1.71
C CYS A 101 18.11 -24.29 -3.07
N SER A 102 17.74 -23.56 -4.12
CA SER A 102 17.76 -24.12 -5.47
C SER A 102 19.17 -24.20 -6.08
N TYR A 103 20.19 -23.73 -5.36
CA TYR A 103 21.55 -23.77 -5.90
C TYR A 103 22.21 -25.13 -5.57
N HIS A 104 22.54 -25.38 -4.30
CA HIS A 104 23.14 -26.66 -3.94
C HIS A 104 22.29 -27.52 -3.00
N GLY A 105 21.03 -27.12 -2.80
CA GLY A 105 20.06 -27.96 -2.13
C GLY A 105 20.08 -27.97 -0.61
N TRP A 106 20.76 -27.00 0.01
CA TRP A 106 20.76 -26.91 1.47
C TRP A 106 19.33 -26.66 1.98
N GLY A 107 18.96 -27.34 3.05
CA GLY A 107 17.60 -27.26 3.56
C GLY A 107 17.54 -26.62 4.94
N PHE A 108 16.79 -25.53 5.04
CA PHE A 108 16.65 -24.81 6.29
C PHE A 108 15.26 -25.02 6.86
N GLY A 109 15.15 -25.10 8.18
CA GLY A 109 13.84 -25.25 8.79
C GLY A 109 13.09 -23.93 8.84
N SER A 110 11.79 -24.01 9.13
CA SER A 110 11.00 -22.82 9.41
C SER A 110 11.56 -22.04 10.59
N ASN A 111 12.38 -22.72 11.40
CA ASN A 111 13.03 -22.09 12.55
C ASN A 111 14.41 -21.54 12.20
N GLY A 112 14.73 -21.50 10.91
CA GLY A 112 16.00 -20.94 10.45
C GLY A 112 17.18 -21.88 10.53
N GLU A 113 17.02 -23.03 11.16
CA GLU A 113 18.16 -23.93 11.37
C GLU A 113 18.57 -24.62 10.08
N LEU A 114 19.87 -24.86 9.92
CA LEU A 114 20.33 -25.67 8.79
C LEU A 114 20.08 -27.14 9.14
N GLN A 115 19.05 -27.71 8.52
CA GLN A 115 18.59 -29.05 8.89
C GLN A 115 19.20 -30.14 8.03
N SER A 116 19.50 -29.82 6.77
CA SER A 116 20.03 -30.86 5.90
C SER A 116 20.92 -30.28 4.81
N VAL A 117 21.91 -31.08 4.43
CA VAL A 117 22.88 -30.70 3.43
C VAL A 117 23.01 -31.94 2.56
N PRO A 118 22.78 -31.79 1.24
CA PRO A 118 22.82 -33.00 0.38
C PRO A 118 24.15 -33.72 0.46
N PHE A 119 24.09 -35.03 0.67
CA PHE A 119 25.28 -35.88 0.73
C PHE A 119 26.27 -35.42 1.79
N GLU A 120 25.76 -34.89 2.90
CA GLU A 120 26.62 -34.33 3.94
C GLU A 120 27.69 -35.31 4.39
N LYS A 121 27.29 -36.54 4.66
CA LYS A 121 28.23 -37.56 5.16
C LYS A 121 29.38 -37.80 4.18
N ASP A 122 29.05 -37.96 2.90
CA ASP A 122 30.06 -38.25 1.88
C ASP A 122 30.96 -37.05 1.58
N LEU A 123 30.41 -35.84 1.72
CA LEU A 123 31.10 -34.64 1.28
C LEU A 123 31.82 -33.92 2.42
N TYR A 124 31.07 -33.59 3.47
CA TYR A 124 31.63 -32.83 4.60
C TYR A 124 32.07 -33.72 5.74
N GLY A 125 31.60 -34.97 5.75
CA GLY A 125 31.85 -35.85 6.87
C GLY A 125 31.21 -35.25 8.10
N GLU A 126 31.99 -35.11 9.16
CA GLU A 126 31.51 -34.51 10.40
C GLU A 126 31.96 -33.05 10.55
N SER A 127 32.52 -32.48 9.49
CA SER A 127 33.24 -31.22 9.59
C SER A 127 32.37 -29.98 9.39
N LEU A 128 31.15 -30.16 8.90
CA LEU A 128 30.26 -29.03 8.70
C LEU A 128 29.53 -28.70 10.00
N ASN A 129 29.76 -27.51 10.53
CA ASN A 129 29.14 -27.11 11.78
C ASN A 129 27.77 -26.47 11.54
N LYS A 130 26.77 -27.30 11.31
CA LYS A 130 25.44 -26.81 10.92
C LYS A 130 24.80 -25.90 11.97
N LYS A 131 25.10 -26.16 13.25
CA LYS A 131 24.58 -25.35 14.35
C LYS A 131 24.95 -23.88 14.21
N CYS A 132 26.04 -23.61 13.50
CA CYS A 132 26.51 -22.24 13.30
C CYS A 132 26.11 -21.70 11.94
N LEU A 133 25.28 -22.45 11.22
CA LEU A 133 24.93 -22.07 9.85
C LEU A 133 23.46 -21.81 9.66
N GLY A 134 22.78 -21.43 10.74
CA GLY A 134 21.38 -21.06 10.61
C GLY A 134 21.23 -19.75 9.87
N LEU A 135 20.07 -19.53 9.27
CA LEU A 135 19.78 -18.27 8.61
C LEU A 135 19.98 -17.07 9.55
N LYS A 136 20.46 -15.96 9.00
CA LYS A 136 20.69 -14.77 9.81
C LYS A 136 19.34 -14.26 10.33
N GLU A 137 19.18 -14.26 11.65
CA GLU A 137 17.87 -13.99 12.23
C GLU A 137 17.66 -12.52 12.60
N VAL A 138 16.45 -12.00 12.31
CA VAL A 138 16.04 -10.69 12.79
C VAL A 138 15.98 -10.74 14.31
N ALA A 139 16.76 -9.88 14.96
CA ALA A 139 16.94 -9.95 16.41
C ALA A 139 15.65 -9.77 17.21
N ARG A 140 14.76 -8.90 16.74
CA ARG A 140 13.58 -8.54 17.51
C ARG A 140 12.34 -8.65 16.66
N VAL A 141 11.34 -9.37 17.14
CA VAL A 141 10.05 -9.49 16.44
C VAL A 141 8.97 -9.39 17.50
N GLU A 142 8.12 -8.38 17.39
CA GLU A 142 7.08 -8.12 18.38
C GLU A 142 5.76 -7.80 17.73
N SER A 143 4.68 -7.94 18.49
CA SER A 143 3.34 -7.74 17.97
C SER A 143 2.65 -6.57 18.66
N PHE A 144 1.92 -5.77 17.89
CA PHE A 144 1.00 -4.78 18.44
C PHE A 144 -0.40 -5.16 17.95
N HIS A 145 -1.11 -5.92 18.79
CA HIS A 145 -2.46 -6.39 18.49
C HIS A 145 -2.59 -7.08 17.14
N GLY A 146 -1.64 -7.97 16.85
CA GLY A 146 -1.68 -8.76 15.63
C GLY A 146 -0.76 -8.22 14.55
N PHE A 147 -0.41 -6.94 14.67
CA PHE A 147 0.48 -6.33 13.68
C PHE A 147 1.92 -6.59 14.08
N ILE A 148 2.65 -7.27 13.19
CA ILE A 148 3.98 -7.81 13.51
C ILE A 148 5.07 -6.92 12.94
N TYR A 149 5.98 -6.48 13.81
CA TYR A 149 7.08 -5.61 13.41
C TYR A 149 8.39 -6.29 13.72
N GLY A 150 9.43 -5.93 12.98
CA GLY A 150 10.75 -6.46 13.20
C GLY A 150 11.78 -5.37 13.35
N CYS A 151 12.88 -5.70 14.02
CA CYS A 151 13.99 -4.76 14.18
C CYS A 151 15.30 -5.52 14.21
N PHE A 152 16.26 -5.08 13.39
CA PHE A 152 17.57 -5.72 13.33
C PHE A 152 18.44 -5.43 14.55
N ASP A 153 18.08 -4.39 15.31
CA ASP A 153 18.90 -3.91 16.41
C ASP A 153 18.40 -4.43 17.76
N GLN A 154 19.17 -5.32 18.38
CA GLN A 154 18.82 -5.90 19.67
C GLN A 154 18.58 -4.84 20.74
N GLU A 155 19.19 -3.66 20.57
CA GLU A 155 19.14 -2.61 21.59
C GLU A 155 17.90 -1.71 21.52
N ALA A 156 17.05 -1.93 20.53
CA ALA A 156 15.84 -1.11 20.36
C ALA A 156 14.92 -1.17 21.57
N PRO A 157 14.15 -0.10 21.80
CA PRO A 157 13.11 -0.18 22.82
C PRO A 157 12.07 -1.22 22.42
N PRO A 158 11.35 -1.79 23.40
CA PRO A 158 10.22 -2.66 23.04
C PRO A 158 9.27 -1.91 22.12
N LEU A 159 8.58 -2.63 21.24
CA LEU A 159 7.70 -1.99 20.25
C LEU A 159 6.69 -1.06 20.92
N MET A 160 6.12 -1.49 22.04
CA MET A 160 5.13 -0.68 22.73
C MET A 160 5.72 0.67 23.18
N ASP A 161 6.91 0.65 23.77
CA ASP A 161 7.54 1.89 24.20
C ASP A 161 7.92 2.76 23.02
N TYR A 162 8.32 2.11 21.93
CA TYR A 162 8.70 2.78 20.69
C TYR A 162 7.53 3.55 20.08
N LEU A 163 6.32 3.01 20.21
CA LEU A 163 5.12 3.71 19.74
C LEU A 163 4.84 4.94 20.58
N GLY A 164 5.35 4.94 21.81
CA GLY A 164 5.24 6.07 22.71
C GLY A 164 3.82 6.57 22.85
N ASP A 165 3.67 7.90 22.78
CA ASP A 165 2.35 8.52 22.93
C ASP A 165 1.37 8.19 21.80
N ALA A 166 1.86 7.69 20.67
CA ALA A 166 0.95 7.33 19.59
C ALA A 166 0.11 6.10 19.92
N ALA A 167 0.61 5.24 20.80
CA ALA A 167 -0.11 4.00 21.14
C ALA A 167 -1.51 4.29 21.69
N TRP A 168 -1.62 5.32 22.52
CA TRP A 168 -2.88 5.68 23.17
C TRP A 168 -3.97 5.97 22.13
N TYR A 169 -3.57 6.60 21.02
CA TYR A 169 -4.50 6.93 19.95
C TYR A 169 -4.89 5.71 19.13
N LEU A 170 -3.95 4.77 18.94
CA LEU A 170 -4.20 3.61 18.08
C LEU A 170 -5.03 2.54 18.79
N GLU A 171 -4.90 2.49 20.11
CA GLU A 171 -5.53 1.42 20.88
C GLU A 171 -7.05 1.27 20.72
N PRO A 172 -7.82 2.38 20.69
CA PRO A 172 -9.26 2.16 20.52
C PRO A 172 -9.61 1.32 19.28
N MET A 173 -9.01 1.65 18.13
CA MET A 173 -9.24 0.87 16.92
C MET A 173 -8.46 -0.45 16.91
N PHE A 174 -7.22 -0.45 17.40
CA PHE A 174 -6.39 -1.66 17.31
C PHE A 174 -6.70 -2.72 18.36
N LYS A 175 -7.15 -2.27 19.53
CA LYS A 175 -7.39 -3.16 20.66
C LYS A 175 -8.88 -3.23 21.01
N HIS A 176 -9.45 -2.09 21.35
CA HIS A 176 -10.76 -2.09 21.97
C HIS A 176 -11.91 -2.39 21.00
N SER A 177 -11.63 -2.32 19.70
CA SER A 177 -12.63 -2.64 18.69
C SER A 177 -12.89 -4.15 18.62
N GLY A 178 -12.08 -4.92 19.35
CA GLY A 178 -12.15 -6.37 19.24
C GLY A 178 -11.03 -6.90 18.36
N GLY A 179 -10.33 -6.00 17.67
CA GLY A 179 -9.19 -6.39 16.86
C GLY A 179 -9.39 -6.19 15.36
N LEU A 180 -8.27 -5.97 14.68
CA LEU A 180 -8.25 -5.74 13.24
C LEU A 180 -7.67 -6.95 12.53
N GLU A 181 -8.00 -7.09 11.25
CA GLU A 181 -7.37 -8.06 10.37
C GLU A 181 -6.76 -7.31 9.22
N LEU A 182 -5.64 -7.80 8.71
CA LEU A 182 -5.06 -7.25 7.50
C LEU A 182 -5.54 -8.11 6.34
N VAL A 183 -6.10 -7.48 5.32
CA VAL A 183 -6.57 -8.21 4.15
C VAL A 183 -5.50 -8.13 3.08
N GLY A 184 -4.95 -9.29 2.71
CA GLY A 184 -3.97 -9.37 1.65
C GLY A 184 -4.58 -9.97 0.40
N PRO A 185 -3.76 -10.16 -0.64
CA PRO A 185 -2.37 -9.71 -0.74
C PRO A 185 -2.36 -8.20 -0.98
N PRO A 186 -1.21 -7.55 -0.75
CA PRO A 186 -1.14 -6.11 -0.94
C PRO A 186 -1.02 -5.76 -2.41
N GLY A 187 -1.44 -4.56 -2.78
CA GLY A 187 -1.04 -4.02 -4.07
C GLY A 187 0.41 -3.62 -3.98
N LYS A 188 1.16 -3.69 -5.07
CA LYS A 188 2.58 -3.32 -5.05
C LYS A 188 2.92 -2.49 -6.29
N VAL A 189 3.36 -1.24 -6.07
CA VAL A 189 3.69 -0.34 -7.16
C VAL A 189 4.96 0.46 -6.82
N VAL A 190 5.82 0.64 -7.81
CA VAL A 190 7.02 1.47 -7.63
C VAL A 190 6.73 2.92 -8.02
N ILE A 191 7.05 3.85 -7.12
CA ILE A 191 6.97 5.28 -7.46
C ILE A 191 8.35 5.92 -7.42
N LYS A 192 8.52 6.99 -8.19
CA LYS A 192 9.81 7.66 -8.26
C LYS A 192 9.90 8.77 -7.21
N ALA A 193 9.71 8.38 -5.95
CA ALA A 193 9.77 9.30 -4.84
C ALA A 193 10.63 8.72 -3.73
N ASN A 194 11.17 9.60 -2.90
CA ASN A 194 11.84 9.18 -1.67
C ASN A 194 10.81 8.65 -0.69
N TRP A 195 11.17 7.65 0.10
CA TRP A 195 10.24 7.05 1.06
C TRP A 195 9.71 8.09 2.05
N LYS A 196 10.48 9.14 2.30
CA LYS A 196 10.07 10.16 3.27
C LYS A 196 8.94 11.03 2.75
N ALA A 197 8.80 11.12 1.44
CA ALA A 197 7.73 11.95 0.88
C ALA A 197 6.33 11.43 1.25
N PRO A 198 6.04 10.15 0.99
CA PRO A 198 4.73 9.67 1.49
C PRO A 198 4.68 9.51 3.00
N ALA A 199 5.80 9.17 3.64
CA ALA A 199 5.80 9.02 5.09
C ALA A 199 5.40 10.33 5.77
N GLU A 200 5.96 11.44 5.30
CA GLU A 200 5.68 12.73 5.94
C GLU A 200 4.26 13.15 5.63
N ASN A 201 3.78 12.78 4.45
CA ASN A 201 2.44 13.13 4.04
C ASN A 201 1.41 12.44 4.93
N PHE A 202 1.56 11.13 5.13
CA PHE A 202 0.63 10.41 6.01
C PHE A 202 0.76 10.77 7.49
N VAL A 203 1.94 11.16 7.94
CA VAL A 203 2.11 11.43 9.37
C VAL A 203 1.40 12.71 9.81
N GLY A 204 1.31 13.71 8.94
CA GLY A 204 0.86 15.00 9.41
C GLY A 204 0.29 15.99 8.43
N ASP A 205 -0.03 15.55 7.21
CA ASP A 205 -0.42 16.49 6.17
C ASP A 205 -1.93 16.53 5.88
N ALA A 206 -2.68 17.25 6.71
CA ALA A 206 -4.09 17.50 6.40
C ALA A 206 -4.25 18.69 5.46
N TYR A 207 -3.24 19.57 5.45
CA TYR A 207 -3.26 20.80 4.64
C TYR A 207 -3.47 20.47 3.16
N HIS A 208 -2.86 19.38 2.68
CA HIS A 208 -2.87 19.11 1.24
C HIS A 208 -4.21 18.59 0.72
N VAL A 209 -5.04 18.07 1.61
CA VAL A 209 -6.19 17.28 1.18
C VAL A 209 -7.17 18.01 0.26
N GLY A 210 -7.62 19.20 0.67
CA GLY A 210 -8.58 19.94 -0.13
C GLY A 210 -8.09 20.30 -1.52
N TRP A 211 -6.80 20.58 -1.64
CA TRP A 211 -6.25 21.03 -2.93
C TRP A 211 -5.73 19.87 -3.78
N THR A 212 -4.82 19.07 -3.22
CA THR A 212 -4.31 17.89 -3.93
C THR A 212 -5.43 16.97 -4.39
N HIS A 213 -6.36 16.69 -3.47
CA HIS A 213 -7.40 15.70 -3.73
C HIS A 213 -8.73 16.33 -4.14
N ALA A 214 -8.70 17.58 -4.59
CA ALA A 214 -9.91 18.27 -5.06
C ALA A 214 -10.78 17.41 -5.99
N SER A 215 -10.16 16.79 -6.99
CA SER A 215 -10.93 16.02 -7.97
C SER A 215 -11.50 14.73 -7.35
N SER A 216 -10.74 14.09 -6.45
CA SER A 216 -11.22 12.87 -5.80
C SER A 216 -12.31 13.17 -4.79
N LEU A 217 -12.13 14.28 -4.06
CA LEU A 217 -13.17 14.76 -3.15
C LEU A 217 -14.47 15.07 -3.89
N ARG A 218 -14.37 15.79 -5.01
CA ARG A 218 -15.57 16.18 -5.75
C ARG A 218 -16.27 14.99 -6.41
N SER A 219 -15.47 14.07 -6.95
CA SER A 219 -15.99 12.95 -7.75
C SER A 219 -16.44 11.77 -6.91
N GLY A 220 -15.71 11.53 -5.82
CA GLY A 220 -15.76 10.23 -5.17
C GLY A 220 -16.82 10.10 -4.11
N GLU A 221 -17.58 11.18 -3.90
CA GLU A 221 -18.60 11.29 -2.85
C GLU A 221 -18.36 10.62 -1.50
N SER A 222 -17.32 11.09 -0.81
CA SER A 222 -16.99 10.68 0.55
C SER A 222 -17.46 11.75 1.56
N ILE A 223 -17.20 11.52 2.84
CA ILE A 223 -17.61 12.46 3.89
C ILE A 223 -16.71 13.69 4.02
N PHE A 224 -15.44 13.55 3.68
CA PHE A 224 -14.49 14.66 3.81
C PHE A 224 -14.62 15.62 2.64
N SER A 225 -15.71 15.45 1.89
CA SER A 225 -15.88 16.03 0.57
C SER A 225 -16.08 17.54 0.51
N SER A 226 -16.48 18.14 1.63
CA SER A 226 -16.70 19.58 1.68
C SER A 226 -15.41 20.35 1.35
N LEU A 227 -14.29 19.65 1.43
CA LEU A 227 -12.99 20.28 1.33
C LEU A 227 -12.55 20.53 -0.11
N ALA A 228 -13.25 19.94 -1.08
CA ALA A 228 -12.78 19.98 -2.48
C ALA A 228 -12.42 21.37 -2.99
N GLY A 229 -11.20 21.51 -3.50
CA GLY A 229 -10.73 22.77 -4.03
C GLY A 229 -10.60 23.86 -3.00
N ASN A 230 -10.37 23.48 -1.74
CA ASN A 230 -10.33 24.43 -0.63
C ASN A 230 -11.60 25.27 -0.52
N ALA A 231 -12.73 24.68 -0.88
CA ALA A 231 -14.02 25.36 -0.85
C ALA A 231 -14.41 25.68 0.58
N ALA A 232 -13.92 24.87 1.52
CA ALA A 232 -14.28 25.04 2.91
C ALA A 232 -13.17 24.56 3.82
N LEU A 233 -12.99 25.25 4.95
CA LEU A 233 -12.04 24.83 5.97
C LEU A 233 -12.80 24.05 7.03
N PRO A 234 -12.25 22.91 7.48
CA PRO A 234 -12.82 22.21 8.63
C PRO A 234 -12.99 23.18 9.79
N PRO A 235 -14.11 23.11 10.51
CA PRO A 235 -14.39 24.06 11.57
C PRO A 235 -13.41 23.93 12.72
N GLU A 236 -13.40 24.91 13.63
CA GLU A 236 -12.57 24.79 14.81
C GLU A 236 -12.98 23.54 15.57
N GLY A 237 -12.00 22.83 16.12
CA GLY A 237 -12.28 21.64 16.91
C GLY A 237 -12.56 20.41 16.06
N ALA A 238 -12.28 20.49 14.76
CA ALA A 238 -12.55 19.38 13.86
C ALA A 238 -11.56 18.24 14.05
N GLY A 239 -10.46 18.54 14.72
CA GLY A 239 -9.47 17.51 14.96
C GLY A 239 -8.21 18.00 15.63
N LEU A 240 -7.18 17.17 15.63
CA LEU A 240 -5.91 17.54 16.25
C LEU A 240 -4.76 16.82 15.58
N GLN A 241 -3.54 17.13 16.04
CA GLN A 241 -2.35 16.49 15.53
C GLN A 241 -1.51 16.06 16.71
N MET A 242 -0.81 14.95 16.59
CA MET A 242 0.10 14.57 17.66
C MET A 242 1.41 14.01 17.13
N THR A 243 2.43 14.02 17.99
CA THR A 243 3.68 13.38 17.66
C THR A 243 4.33 12.87 18.94
N SER A 244 5.40 12.10 18.78
CA SER A 244 5.94 11.34 19.90
C SER A 244 7.47 11.28 19.84
N LYS A 245 8.05 10.77 20.91
CA LYS A 245 9.50 10.76 21.10
C LYS A 245 10.24 10.03 19.97
N TYR A 246 9.72 8.87 19.58
CA TYR A 246 10.43 8.04 18.62
C TYR A 246 9.98 8.28 17.17
N GLY A 247 9.22 9.34 16.96
CA GLY A 247 8.97 9.81 15.60
C GLY A 247 7.59 9.56 15.04
N SER A 248 6.86 8.61 15.62
CA SER A 248 5.53 8.30 15.14
C SER A 248 4.59 9.45 15.46
N GLY A 249 3.60 9.64 14.61
CA GLY A 249 2.63 10.71 14.82
C GLY A 249 1.41 10.51 13.96
N MET A 250 0.39 11.33 14.18
CA MET A 250 -0.82 11.23 13.38
C MET A 250 -1.69 12.45 13.47
N GLY A 251 -2.60 12.58 12.52
CA GLY A 251 -3.69 13.52 12.60
C GLY A 251 -4.93 12.76 13.01
N VAL A 252 -5.82 13.46 13.72
CA VAL A 252 -7.10 12.92 14.14
C VAL A 252 -8.17 13.83 13.55
N LEU A 253 -9.06 13.26 12.76
CA LEU A 253 -10.19 14.03 12.27
C LEU A 253 -11.44 13.46 12.92
N TRP A 254 -12.00 14.21 13.87
CA TRP A 254 -13.09 13.70 14.70
C TRP A 254 -14.26 13.13 13.89
N ASP A 255 -14.69 11.93 14.27
CA ASP A 255 -15.93 11.31 13.77
C ASP A 255 -15.90 10.76 12.34
N GLY A 256 -14.79 10.96 11.63
CA GLY A 256 -14.73 10.63 10.22
C GLY A 256 -14.62 9.15 9.91
N TYR A 257 -15.53 8.35 10.47
CA TYR A 257 -15.43 6.89 10.40
C TYR A 257 -15.56 6.29 8.98
N SER A 258 -16.26 6.98 8.09
CA SER A 258 -16.37 6.46 6.73
C SER A 258 -15.19 6.88 5.83
N GLY A 259 -14.37 7.79 6.34
CA GLY A 259 -13.12 8.16 5.66
C GLY A 259 -13.28 8.56 4.20
N VAL A 260 -12.43 8.00 3.34
CA VAL A 260 -12.46 8.36 1.93
C VAL A 260 -13.45 7.52 1.14
N HIS A 261 -14.17 6.63 1.81
CA HIS A 261 -15.06 5.72 1.11
C HIS A 261 -16.23 6.45 0.48
N SER A 262 -16.58 6.02 -0.72
CA SER A 262 -17.63 6.68 -1.49
C SER A 262 -18.98 6.48 -0.84
N ALA A 263 -19.95 7.28 -1.24
CA ALA A 263 -21.28 7.29 -0.66
C ALA A 263 -21.92 5.91 -0.53
N ASP A 264 -21.51 4.96 -1.36
CA ASP A 264 -22.08 3.62 -1.32
C ASP A 264 -21.75 2.83 -0.03
N LEU A 265 -20.84 3.35 0.77
CA LEU A 265 -20.43 2.70 2.02
C LEU A 265 -20.65 3.59 3.22
N VAL A 266 -20.92 4.87 2.97
CA VAL A 266 -21.05 5.84 4.05
C VAL A 266 -22.13 5.51 5.10
N PRO A 267 -23.39 5.25 4.67
CA PRO A 267 -24.41 4.98 5.69
C PRO A 267 -24.12 3.74 6.52
N GLU A 268 -23.65 2.68 5.85
CA GLU A 268 -23.36 1.43 6.52
C GLU A 268 -22.22 1.57 7.52
N LEU A 269 -21.15 2.23 7.09
CA LEU A 269 -20.01 2.45 7.99
C LEU A 269 -20.39 3.34 9.17
N MET A 270 -21.04 4.46 8.89
CA MET A 270 -21.38 5.39 9.97
C MET A 270 -22.31 4.75 10.98
N ALA A 271 -23.16 3.84 10.53
CA ALA A 271 -24.00 3.08 11.45
C ALA A 271 -23.16 2.10 12.28
N PHE A 272 -22.25 1.38 11.62
CA PHE A 272 -21.45 0.37 12.30
C PHE A 272 -20.52 0.99 13.36
N GLY A 273 -19.79 2.03 12.98
CA GLY A 273 -18.86 2.66 13.91
C GLY A 273 -19.56 3.34 15.07
N GLY A 274 -20.71 3.96 14.78
CA GLY A 274 -21.49 4.59 15.84
C GLY A 274 -22.03 3.59 16.83
N ALA A 275 -22.47 2.44 16.32
CA ALA A 275 -22.98 1.38 17.20
C ALA A 275 -21.89 0.87 18.13
N LYS A 276 -20.68 0.65 17.58
CA LYS A 276 -19.60 0.14 18.41
C LYS A 276 -19.13 1.20 19.41
N GLN A 277 -19.12 2.46 18.97
CA GLN A 277 -18.77 3.57 19.84
C GLN A 277 -19.68 3.65 21.07
N GLU A 278 -20.97 3.39 20.86
CA GLU A 278 -21.93 3.44 21.97
C GLU A 278 -21.61 2.37 23.03
N ARG A 279 -21.13 1.22 22.57
CA ARG A 279 -20.70 0.16 23.48
C ARG A 279 -19.39 0.53 24.18
N LEU A 280 -18.47 1.13 23.43
CA LEU A 280 -17.15 1.44 23.96
C LEU A 280 -17.14 2.59 24.98
N ASN A 281 -18.15 3.47 24.91
CA ASN A 281 -18.26 4.55 25.89
C ASN A 281 -18.14 4.02 27.32
N LYS A 282 -18.83 2.91 27.59
CA LYS A 282 -18.89 2.31 28.91
C LYS A 282 -17.60 1.61 29.31
N GLU A 283 -16.77 1.29 28.31
CA GLU A 283 -15.54 0.51 28.56
C GLU A 283 -14.31 1.39 28.67
N ILE A 284 -14.16 2.32 27.73
CA ILE A 284 -12.95 3.12 27.67
C ILE A 284 -13.18 4.62 27.81
N GLY A 285 -14.44 5.01 28.03
CA GLY A 285 -14.79 6.42 28.19
C GLY A 285 -15.15 7.09 26.89
N ASP A 286 -15.86 8.22 26.96
CA ASP A 286 -16.38 8.87 25.76
C ASP A 286 -15.29 9.34 24.79
N VAL A 287 -14.23 9.94 25.31
CA VAL A 287 -13.18 10.47 24.44
C VAL A 287 -12.52 9.36 23.63
N ARG A 288 -12.10 8.30 24.31
CA ARG A 288 -11.41 7.23 23.60
C ARG A 288 -12.34 6.44 22.68
N ALA A 289 -13.61 6.31 23.06
CA ALA A 289 -14.58 5.67 22.18
C ALA A 289 -14.80 6.52 20.94
N ARG A 290 -14.68 7.84 21.08
CA ARG A 290 -14.83 8.74 19.94
C ARG A 290 -13.61 8.65 19.04
N ILE A 291 -12.42 8.56 19.64
CA ILE A 291 -11.19 8.34 18.89
C ILE A 291 -11.26 7.07 18.05
N TYR A 292 -11.85 6.01 18.61
CA TYR A 292 -12.03 4.76 17.85
C TYR A 292 -12.67 5.01 16.49
N ARG A 293 -13.75 5.81 16.46
CA ARG A 293 -14.45 6.07 15.20
C ARG A 293 -14.05 7.40 14.56
N SER A 294 -12.84 7.84 14.85
CA SER A 294 -12.28 9.04 14.24
C SER A 294 -11.16 8.66 13.28
N HIS A 295 -11.06 9.41 12.19
CA HIS A 295 -10.10 9.10 11.13
C HIS A 295 -8.68 9.48 11.54
N LEU A 296 -7.79 8.48 11.63
CA LEU A 296 -6.40 8.74 11.98
C LEU A 296 -5.51 8.59 10.77
N ASN A 297 -4.78 9.64 10.39
CA ASN A 297 -3.72 9.50 9.40
C ASN A 297 -2.40 9.42 10.14
N CYS A 298 -1.77 8.25 10.12
CA CYS A 298 -0.65 7.96 11.02
C CYS A 298 0.53 7.39 10.27
N THR A 299 1.73 7.79 10.70
CA THR A 299 2.93 7.07 10.30
C THR A 299 3.59 6.49 11.53
N VAL A 300 3.77 5.17 11.51
CA VAL A 300 4.61 4.51 12.51
C VAL A 300 6.04 4.59 11.98
N PHE A 301 6.87 5.38 12.64
CA PHE A 301 8.23 5.66 12.19
C PHE A 301 8.97 4.35 11.93
N PRO A 302 9.73 4.27 10.83
CA PRO A 302 9.91 5.34 9.84
C PRO A 302 8.95 5.29 8.63
N ASN A 303 8.58 4.09 8.18
CA ASN A 303 8.00 3.97 6.84
C ASN A 303 6.74 3.11 6.74
N ASN A 304 5.97 3.06 7.81
CA ASN A 304 4.70 2.35 7.83
C ASN A 304 3.62 3.39 8.07
N SER A 305 2.62 3.46 7.20
CA SER A 305 1.57 4.46 7.39
C SER A 305 0.19 3.82 7.30
N MET A 306 -0.81 4.55 7.77
CA MET A 306 -2.16 4.03 7.74
C MET A 306 -3.19 5.15 7.82
N LEU A 307 -4.39 4.84 7.34
CA LEU A 307 -5.57 5.67 7.60
C LEU A 307 -6.57 4.74 8.28
N THR A 308 -6.78 4.90 9.59
CA THR A 308 -7.80 4.09 10.23
C THR A 308 -9.15 4.55 9.71
N CYS A 309 -10.15 3.68 9.82
CA CYS A 309 -11.52 3.93 9.35
C CYS A 309 -11.61 3.89 7.83
N SER A 310 -10.74 4.61 7.14
CA SER A 310 -10.60 4.38 5.69
C SER A 310 -10.07 2.98 5.47
N GLY A 311 -9.21 2.53 6.39
CA GLY A 311 -8.70 1.16 6.34
C GLY A 311 -7.50 0.95 5.44
N VAL A 312 -6.80 2.03 5.13
CA VAL A 312 -5.63 1.98 4.25
C VAL A 312 -4.38 1.67 5.08
N PHE A 313 -3.58 0.69 4.63
CA PHE A 313 -2.37 0.34 5.35
C PHE A 313 -1.20 0.25 4.36
N LYS A 314 -0.14 1.02 4.63
CA LYS A 314 0.94 1.26 3.67
C LYS A 314 2.31 0.90 4.21
N VAL A 315 3.16 0.34 3.33
CA VAL A 315 4.59 0.29 3.62
C VAL A 315 5.30 1.01 2.50
N TRP A 316 6.14 1.98 2.85
CA TRP A 316 6.93 2.69 1.84
C TRP A 316 8.32 2.09 1.81
N ASN A 317 8.49 1.05 0.99
CA ASN A 317 9.75 0.31 0.99
C ASN A 317 10.83 1.01 0.18
N PRO A 318 11.95 1.33 0.84
CA PRO A 318 12.99 2.12 0.16
C PRO A 318 13.78 1.33 -0.87
N ILE A 319 14.01 1.92 -2.04
CA ILE A 319 14.84 1.29 -3.06
C ILE A 319 16.11 2.11 -3.30
N ASP A 320 15.94 3.40 -3.60
CA ASP A 320 17.05 4.36 -3.58
C ASP A 320 16.46 5.73 -3.26
N ALA A 321 17.26 6.80 -3.32
CA ALA A 321 16.76 8.10 -2.86
C ALA A 321 15.53 8.59 -3.62
N ASN A 322 15.36 8.14 -4.86
CA ASN A 322 14.19 8.56 -5.63
C ASN A 322 13.35 7.38 -6.11
N THR A 323 13.37 6.28 -5.37
CA THR A 323 12.57 5.10 -5.76
C THR A 323 12.02 4.40 -4.53
N THR A 324 10.72 4.17 -4.53
CA THR A 324 10.04 3.56 -3.39
C THR A 324 9.00 2.54 -3.88
N GLU A 325 8.99 1.37 -3.24
CA GLU A 325 8.02 0.34 -3.58
C GLU A 325 6.88 0.39 -2.58
N VAL A 326 5.69 0.74 -3.07
CA VAL A 326 4.55 0.99 -2.20
C VAL A 326 3.71 -0.27 -2.07
N TRP A 327 3.57 -0.75 -0.84
CA TRP A 327 2.71 -1.90 -0.53
C TRP A 327 1.43 -1.40 0.10
N THR A 328 0.28 -1.84 -0.41
CA THR A 328 -1.00 -1.34 0.10
C THR A 328 -1.90 -2.48 0.52
N TYR A 329 -2.21 -2.55 1.81
CA TYR A 329 -3.16 -3.53 2.32
C TYR A 329 -4.42 -2.82 2.78
N ALA A 330 -5.46 -3.59 3.04
CA ALA A 330 -6.65 -3.07 3.72
C ALA A 330 -6.70 -3.59 5.15
N ILE A 331 -7.10 -2.74 6.08
CA ILE A 331 -7.41 -3.19 7.43
C ILE A 331 -8.92 -3.18 7.66
N VAL A 332 -9.44 -4.22 8.31
CA VAL A 332 -10.85 -4.29 8.64
C VAL A 332 -11.02 -4.74 10.09
N GLU A 333 -12.14 -4.38 10.68
CA GLU A 333 -12.45 -4.83 12.04
C GLU A 333 -12.98 -6.26 11.97
N LYS A 334 -12.44 -7.14 12.82
CA LYS A 334 -12.75 -8.58 12.74
C LYS A 334 -14.23 -8.88 12.83
N ASP A 335 -14.95 -8.08 13.60
CA ASP A 335 -16.36 -8.39 13.85
C ASP A 335 -17.32 -7.74 12.87
N MET A 336 -16.79 -7.13 11.82
CA MET A 336 -17.60 -6.65 10.72
C MET A 336 -18.15 -7.86 9.97
N PRO A 337 -19.37 -7.74 9.40
CA PRO A 337 -19.87 -8.80 8.54
C PRO A 337 -18.90 -9.04 7.38
N GLU A 338 -18.77 -10.28 6.95
CA GLU A 338 -17.80 -10.63 5.91
C GLU A 338 -18.02 -9.85 4.61
N ASP A 339 -19.27 -9.62 4.26
CA ASP A 339 -19.57 -8.91 3.01
C ASP A 339 -19.10 -7.46 3.08
N LEU A 340 -19.21 -6.87 4.27
CA LEU A 340 -18.73 -5.51 4.46
C LEU A 340 -17.21 -5.47 4.39
N LYS A 341 -16.56 -6.47 4.99
CA LYS A 341 -15.09 -6.56 4.93
C LYS A 341 -14.63 -6.62 3.48
N ARG A 342 -15.31 -7.43 2.66
CA ARG A 342 -14.94 -7.58 1.27
C ARG A 342 -15.08 -6.26 0.52
N ARG A 343 -16.21 -5.58 0.70
CA ARG A 343 -16.43 -4.32 0.02
C ARG A 343 -15.50 -3.21 0.54
N LEU A 344 -15.20 -3.22 1.83
CA LEU A 344 -14.25 -2.28 2.40
C LEU A 344 -12.86 -2.49 1.80
N ALA A 345 -12.43 -3.74 1.70
CA ALA A 345 -11.12 -4.04 1.10
C ALA A 345 -11.05 -3.56 -0.34
N ASP A 346 -12.09 -3.83 -1.13
CA ASP A 346 -12.10 -3.36 -2.51
C ASP A 346 -12.05 -1.84 -2.58
N SER A 347 -12.70 -1.19 -1.63
CA SER A 347 -12.77 0.27 -1.62
C SER A 347 -11.43 0.90 -1.23
N VAL A 348 -10.74 0.27 -0.29
CA VAL A 348 -9.36 0.66 0.02
C VAL A 348 -8.49 0.65 -1.25
N GLN A 349 -8.57 -0.41 -2.04
CA GLN A 349 -7.74 -0.47 -3.24
C GLN A 349 -8.23 0.50 -4.32
N ARG A 350 -9.55 0.69 -4.38
CA ARG A 350 -10.17 1.60 -5.34
C ARG A 350 -9.68 3.03 -5.13
N THR A 351 -9.48 3.41 -3.87
CA THR A 351 -9.09 4.77 -3.54
C THR A 351 -7.58 4.94 -3.41
N PHE A 352 -6.91 3.97 -2.79
CA PHE A 352 -5.49 4.12 -2.48
C PHE A 352 -4.57 3.02 -2.98
N GLY A 353 -5.13 2.07 -3.75
CA GLY A 353 -4.33 0.98 -4.27
C GLY A 353 -3.58 1.35 -5.54
N PRO A 354 -3.09 0.35 -6.28
CA PRO A 354 -2.32 0.58 -7.50
C PRO A 354 -3.05 1.45 -8.52
N ALA A 355 -4.37 1.29 -8.62
CA ALA A 355 -5.19 2.20 -9.41
C ALA A 355 -6.06 3.05 -8.49
N GLY A 356 -5.54 3.39 -7.32
CA GLY A 356 -6.29 4.22 -6.40
C GLY A 356 -6.39 5.64 -6.92
N PHE A 357 -7.60 6.13 -7.15
CA PHE A 357 -7.71 7.45 -7.74
C PHE A 357 -7.29 8.56 -6.78
N TRP A 358 -7.48 8.36 -5.47
CA TRP A 358 -6.97 9.33 -4.50
C TRP A 358 -5.45 9.32 -4.51
N GLU A 359 -4.86 8.14 -4.39
CA GLU A 359 -3.41 8.01 -4.33
C GLU A 359 -2.76 8.60 -5.58
N SER A 360 -3.44 8.49 -6.71
CA SER A 360 -2.89 9.04 -7.95
C SER A 360 -2.72 10.56 -7.87
N ASP A 361 -3.59 11.24 -7.12
CA ASP A 361 -3.50 12.69 -6.96
C ASP A 361 -2.16 13.09 -6.33
N ASP A 362 -1.57 12.17 -5.58
CA ASP A 362 -0.35 12.47 -4.82
C ASP A 362 0.94 12.24 -5.60
N ASN A 363 0.86 11.50 -6.72
CA ASN A 363 2.06 11.04 -7.44
C ASN A 363 3.02 12.16 -7.78
N ASP A 364 2.54 13.16 -8.53
CA ASP A 364 3.41 14.23 -9.01
C ASP A 364 4.00 15.03 -7.87
N ASN A 365 3.18 15.27 -6.84
CA ASN A 365 3.64 16.00 -5.66
C ASN A 365 4.83 15.30 -5.02
N MET A 366 4.70 14.00 -4.77
CA MET A 366 5.75 13.30 -4.07
C MET A 366 6.95 12.99 -4.94
N GLU A 367 6.71 12.68 -6.21
CA GLU A 367 7.82 12.41 -7.12
C GLU A 367 8.65 13.65 -7.42
N THR A 368 8.00 14.77 -7.75
CA THR A 368 8.77 15.97 -8.08
C THR A 368 9.43 16.59 -6.85
N ALA A 369 8.77 16.53 -5.69
CA ALA A 369 9.40 17.08 -4.49
C ALA A 369 10.65 16.26 -4.16
N SER A 370 10.59 14.95 -4.40
CA SER A 370 11.74 14.10 -4.17
C SER A 370 12.83 14.37 -5.18
N GLN A 371 12.47 14.41 -6.46
CA GLN A 371 13.47 14.58 -7.51
C GLN A 371 14.13 15.96 -7.48
N ASN A 372 13.40 16.97 -7.04
CA ASN A 372 13.99 18.31 -6.93
C ASN A 372 15.10 18.34 -5.89
N GLY A 373 15.08 17.38 -4.97
CA GLY A 373 16.11 17.28 -3.95
C GLY A 373 17.48 16.93 -4.49
N LYS A 374 17.53 16.48 -5.75
CA LYS A 374 18.81 16.20 -6.43
C LYS A 374 19.31 17.40 -7.22
N LYS A 375 18.43 18.35 -7.52
CA LYS A 375 18.79 19.50 -8.38
C LYS A 375 19.74 20.46 -7.68
N TYR A 376 20.78 20.89 -8.40
CA TYR A 376 21.88 21.65 -7.80
C TYR A 376 21.43 22.84 -6.95
N GLN A 377 20.53 23.66 -7.48
CA GLN A 377 20.13 24.88 -6.78
C GLN A 377 19.15 24.65 -5.64
N SER A 378 18.66 23.42 -5.49
CA SER A 378 17.69 23.11 -4.44
C SER A 378 18.26 22.26 -3.30
N ARG A 379 19.43 21.65 -3.50
CA ARG A 379 19.97 20.75 -2.48
C ARG A 379 20.05 21.39 -1.10
N ASP A 380 20.53 22.63 -1.05
CA ASP A 380 20.77 23.34 0.20
C ASP A 380 19.59 24.26 0.57
N SER A 381 18.47 24.09 -0.12
CA SER A 381 17.28 24.87 0.19
C SER A 381 16.50 24.25 1.34
N ASP A 382 15.61 25.05 1.94
CA ASP A 382 14.89 24.61 3.13
C ASP A 382 13.42 24.28 2.88
N LEU A 383 13.07 23.02 3.10
CA LEU A 383 11.68 22.57 3.13
C LEU A 383 11.07 23.05 4.44
N LEU A 384 9.90 23.67 4.37
CA LEU A 384 9.30 24.30 5.56
C LEU A 384 8.26 23.43 6.25
N SER A 385 8.33 23.34 7.57
CA SER A 385 7.30 22.66 8.35
C SER A 385 7.03 23.42 9.64
N ASN A 386 6.71 24.70 9.49
CA ASN A 386 6.54 25.60 10.64
C ASN A 386 5.08 25.89 11.00
N LEU A 387 4.13 25.35 10.23
CA LEU A 387 2.73 25.65 10.48
C LEU A 387 2.30 25.16 11.86
N GLY A 388 1.83 26.08 12.70
CA GLY A 388 1.33 25.73 14.02
C GLY A 388 2.40 25.79 15.10
N PHE A 389 3.64 26.06 14.69
CA PHE A 389 4.71 26.14 15.68
C PHE A 389 4.47 27.24 16.70
N GLY A 390 4.67 26.92 17.97
CA GLY A 390 4.47 27.86 19.04
C GLY A 390 3.10 27.70 19.68
N GLU A 391 2.31 26.76 19.17
CA GLU A 391 0.99 26.50 19.72
C GLU A 391 0.81 25.03 20.12
N ASP A 392 1.86 24.24 19.98
CA ASP A 392 1.82 22.86 20.45
C ASP A 392 1.97 22.76 21.96
N VAL A 393 1.35 21.74 22.54
CA VAL A 393 1.46 21.50 23.98
C VAL A 393 2.01 20.10 24.22
N TYR A 394 2.46 19.86 25.45
CA TYR A 394 2.83 18.52 25.88
C TYR A 394 2.22 18.28 27.25
N GLY A 395 1.89 17.02 27.55
CA GLY A 395 1.40 16.66 28.86
C GLY A 395 -0.05 17.05 29.13
N ASP A 396 -0.82 17.20 28.04
CA ASP A 396 -2.23 17.60 28.18
C ASP A 396 -3.00 16.60 29.04
N ALA A 397 -4.02 17.08 29.75
CA ALA A 397 -4.77 16.22 30.66
C ALA A 397 -5.58 15.14 29.94
N VAL A 398 -5.87 15.36 28.66
CA VAL A 398 -6.72 14.41 27.93
C VAL A 398 -5.98 13.72 26.78
N TYR A 399 -5.24 14.51 26.01
CA TYR A 399 -4.58 14.00 24.79
C TYR A 399 -3.06 14.00 24.98
N PRO A 400 -2.43 12.81 24.99
CA PRO A 400 -1.00 12.72 25.28
C PRO A 400 -0.11 12.95 24.06
N GLY A 401 1.16 13.26 24.35
CA GLY A 401 2.16 13.50 23.33
C GLY A 401 2.38 14.98 23.12
N VAL A 402 3.14 15.33 22.09
CA VAL A 402 3.17 16.72 21.64
C VAL A 402 1.98 16.90 20.72
N VAL A 403 1.09 17.82 21.11
CA VAL A 403 -0.23 17.93 20.48
C VAL A 403 -0.49 19.33 19.97
N GLY A 404 -0.96 19.42 18.73
CA GLY A 404 -1.52 20.66 18.22
C GLY A 404 -3.03 20.50 18.18
N LYS A 405 -3.76 21.35 18.91
CA LYS A 405 -5.20 21.20 19.01
C LYS A 405 -5.91 21.89 17.84
N SER A 406 -5.54 21.46 16.63
CA SER A 406 -6.16 21.94 15.40
C SER A 406 -6.04 20.82 14.38
N ALA A 407 -6.99 20.74 13.45
CA ALA A 407 -7.00 19.64 12.49
C ALA A 407 -5.90 19.76 11.44
N ILE A 408 -5.50 20.99 11.11
CA ILE A 408 -4.52 21.23 10.07
C ILE A 408 -3.27 21.92 10.60
N GLY A 409 -2.10 21.29 10.41
CA GLY A 409 -0.85 21.89 10.87
C GLY A 409 0.32 21.00 10.53
N GLU A 410 1.49 21.34 11.06
CA GLU A 410 2.69 20.57 10.73
C GLU A 410 3.40 20.04 11.98
N THR A 411 2.63 19.91 13.06
CA THR A 411 3.10 19.35 14.33
C THR A 411 3.77 18.00 14.12
N SER A 412 3.15 17.15 13.33
CA SER A 412 3.64 15.79 13.18
C SER A 412 4.85 15.70 12.25
N TYR A 413 4.98 16.64 11.33
CA TYR A 413 6.21 16.79 10.54
C TYR A 413 7.36 17.05 11.49
N ARG A 414 7.17 17.98 12.41
CA ARG A 414 8.25 18.41 13.31
C ARG A 414 8.75 17.26 14.16
N GLY A 415 7.84 16.47 14.72
CA GLY A 415 8.25 15.34 15.54
C GLY A 415 8.89 14.23 14.72
N PHE A 416 8.37 13.98 13.53
CA PHE A 416 8.95 13.00 12.62
C PHE A 416 10.40 13.36 12.29
N TYR A 417 10.62 14.61 11.89
CA TYR A 417 11.96 15.01 11.50
C TYR A 417 12.90 15.23 12.67
N ARG A 418 12.36 15.54 13.85
CA ARG A 418 13.21 15.63 15.03
C ARG A 418 13.82 14.26 15.31
N ALA A 419 12.99 13.22 15.29
CA ALA A 419 13.46 11.86 15.50
C ALA A 419 14.43 11.42 14.39
N TYR A 420 14.10 11.76 13.15
CA TYR A 420 14.96 11.43 12.01
C TYR A 420 16.36 12.00 12.18
N GLN A 421 16.46 13.27 12.54
CA GLN A 421 17.75 13.91 12.69
C GLN A 421 18.53 13.30 13.86
N ALA A 422 17.82 13.01 14.96
CA ALA A 422 18.48 12.40 16.10
C ALA A 422 19.07 11.02 15.76
N HIS A 423 18.37 10.25 14.92
CA HIS A 423 18.92 8.98 14.46
C HIS A 423 20.10 9.13 13.50
N VAL A 424 19.95 9.99 12.49
CA VAL A 424 21.00 10.17 11.48
C VAL A 424 22.31 10.64 12.08
N SER A 425 22.23 11.37 13.19
CA SER A 425 23.44 11.89 13.81
C SER A 425 23.95 11.02 14.96
N SER A 426 23.31 9.87 15.16
CA SER A 426 23.67 8.97 16.27
C SER A 426 24.18 7.61 15.77
N SER A 427 25.07 7.00 16.55
CA SER A 427 25.68 5.72 16.16
C SER A 427 24.96 4.52 16.74
N ASN A 428 24.04 4.78 17.68
CA ASN A 428 23.35 3.69 18.36
C ASN A 428 22.16 4.22 19.14
N TRP A 429 21.38 3.33 19.75
CA TRP A 429 20.21 3.75 20.51
C TRP A 429 20.55 4.63 21.71
N ALA A 430 21.66 4.35 22.39
CA ALA A 430 22.05 5.16 23.55
C ALA A 430 22.26 6.61 23.13
N GLU A 431 22.90 6.81 21.98
CA GLU A 431 23.12 8.16 21.48
C GLU A 431 21.82 8.83 21.06
N PHE A 432 20.90 8.06 20.45
CA PHE A 432 19.60 8.62 20.11
C PHE A 432 18.90 9.11 21.36
N GLU A 433 18.95 8.32 22.43
CA GLU A 433 18.30 8.68 23.68
C GLU A 433 18.89 9.97 24.24
N HIS A 434 20.23 10.06 24.21
CA HIS A 434 20.89 11.26 24.70
C HIS A 434 20.48 12.47 23.88
N ALA A 435 20.29 12.26 22.58
CA ALA A 435 19.93 13.34 21.67
C ALA A 435 18.45 13.67 21.77
N SER A 436 17.72 12.90 22.57
CA SER A 436 16.27 13.06 22.64
C SER A 436 15.73 13.35 24.04
N SER A 437 16.64 13.67 24.98
CA SER A 437 16.24 13.80 26.38
C SER A 437 15.38 15.04 26.65
N THR A 438 15.39 15.97 25.70
CA THR A 438 14.52 17.15 25.81
C THR A 438 13.65 17.28 24.56
N TRP A 439 13.17 16.13 24.05
CA TRP A 439 12.45 16.11 22.78
C TRP A 439 11.18 16.95 22.77
N HIS A 440 10.38 16.87 23.83
CA HIS A 440 9.11 17.59 23.77
C HIS A 440 9.29 19.07 24.00
N THR A 441 10.28 19.43 24.82
CA THR A 441 10.63 20.82 25.03
C THR A 441 11.06 21.48 23.73
N GLU A 442 11.88 20.78 22.95
CA GLU A 442 12.30 21.31 21.67
C GLU A 442 11.12 21.55 20.73
N LEU A 443 10.13 20.67 20.78
CA LEU A 443 9.00 20.78 19.85
C LEU A 443 7.98 21.84 20.26
N THR A 444 7.94 22.21 21.54
CA THR A 444 6.95 23.18 22.02
C THR A 444 7.52 24.57 22.31
N LYS A 445 8.77 24.79 21.93
CA LYS A 445 9.40 26.11 22.14
C LYS A 445 8.53 27.24 21.59
N THR A 446 8.71 28.44 22.15
CA THR A 446 7.92 29.63 21.75
C THR A 446 6.43 29.46 22.02
N ILE B 3 -7.20 -29.98 -23.98
CA ILE B 3 -6.17 -29.85 -22.95
C ILE B 3 -6.49 -30.67 -21.72
N ASN B 4 -5.60 -31.59 -21.38
CA ASN B 4 -5.66 -32.33 -20.13
C ASN B 4 -4.67 -31.66 -19.18
N ILE B 5 -5.17 -31.02 -18.13
CA ILE B 5 -4.29 -30.27 -17.23
C ILE B 5 -3.50 -31.18 -16.28
N GLN B 6 -3.84 -32.46 -16.24
CA GLN B 6 -3.02 -33.42 -15.49
C GLN B 6 -1.74 -33.71 -16.27
N GLU B 7 -1.83 -33.65 -17.60
CA GLU B 7 -0.65 -33.84 -18.45
C GLU B 7 0.06 -32.51 -18.72
N ASP B 8 -0.71 -31.48 -19.07
CA ASP B 8 -0.12 -30.17 -19.31
C ASP B 8 -0.05 -29.47 -17.95
N LYS B 9 0.99 -29.78 -17.19
CA LYS B 9 1.07 -29.43 -15.76
C LYS B 9 1.00 -27.95 -15.42
N LEU B 10 1.37 -27.08 -16.36
CA LEU B 10 1.45 -25.65 -16.08
C LEU B 10 0.13 -24.92 -16.34
N VAL B 11 -0.86 -25.61 -16.90
CA VAL B 11 -2.11 -24.96 -17.29
C VAL B 11 -3.13 -24.96 -16.16
N SER B 12 -3.73 -23.80 -15.91
CA SER B 12 -4.76 -23.69 -14.88
C SER B 12 -6.11 -24.16 -15.44
N ALA B 13 -6.96 -24.67 -14.57
CA ALA B 13 -8.31 -25.11 -14.98
C ALA B 13 -9.06 -23.98 -15.69
N HIS B 14 -8.95 -22.76 -15.16
CA HIS B 14 -9.61 -21.63 -15.77
C HIS B 14 -9.12 -21.39 -17.20
N ASP B 15 -7.81 -21.41 -17.39
CA ASP B 15 -7.25 -21.20 -18.73
C ASP B 15 -7.68 -22.28 -19.72
N ALA B 16 -7.73 -23.53 -19.26
CA ALA B 16 -8.14 -24.64 -20.13
C ALA B 16 -9.61 -24.49 -20.55
N GLU B 17 -10.44 -23.97 -19.67
CA GLU B 17 -11.85 -23.76 -19.98
C GLU B 17 -12.05 -22.68 -21.02
N GLU B 18 -11.26 -21.61 -20.89
CA GLU B 18 -11.36 -20.48 -21.80
C GLU B 18 -10.90 -20.84 -23.21
N ILE B 19 -9.90 -21.72 -23.29
CA ILE B 19 -9.42 -22.24 -24.57
C ILE B 19 -10.54 -22.97 -25.31
N LEU B 20 -11.20 -23.87 -24.60
CA LEU B 20 -12.24 -24.74 -25.15
C LEU B 20 -13.33 -23.94 -25.85
N ARG B 21 -13.55 -22.73 -25.34
CA ARG B 21 -14.60 -21.85 -25.83
C ARG B 21 -14.38 -21.42 -27.29
N PHE B 22 -13.12 -21.22 -27.67
CA PHE B 22 -12.79 -20.65 -28.97
C PHE B 22 -12.39 -21.70 -30.00
N PHE B 23 -11.96 -22.86 -29.52
CA PHE B 23 -11.49 -23.92 -30.41
C PHE B 23 -12.62 -24.62 -31.14
N ASN B 24 -13.81 -24.56 -30.55
CA ASN B 24 -14.98 -25.22 -31.13
C ASN B 24 -15.58 -24.43 -32.28
N CYS B 25 -16.78 -23.90 -32.10
CA CYS B 25 -17.39 -23.15 -33.18
C CYS B 25 -16.59 -21.91 -33.50
N HIS B 26 -16.12 -21.84 -34.75
CA HIS B 26 -15.42 -20.66 -35.20
C HIS B 26 -16.28 -19.92 -36.23
N ASP B 27 -16.60 -18.67 -35.92
CA ASP B 27 -17.41 -17.85 -36.81
C ASP B 27 -16.57 -16.65 -37.23
N SER B 28 -16.12 -16.64 -38.48
CA SER B 28 -15.26 -15.57 -38.98
C SER B 28 -15.92 -14.19 -38.87
N ALA B 29 -17.21 -14.12 -39.15
CA ALA B 29 -17.93 -12.85 -39.12
C ALA B 29 -17.95 -12.27 -37.71
N LEU B 30 -18.05 -13.15 -36.72
CA LEU B 30 -18.07 -12.74 -35.33
C LEU B 30 -16.71 -12.18 -34.92
N GLN B 31 -15.64 -12.78 -35.43
CA GLN B 31 -14.29 -12.31 -35.08
C GLN B 31 -14.10 -10.90 -35.63
N GLN B 32 -14.65 -10.67 -36.81
CA GLN B 32 -14.57 -9.36 -37.46
C GLN B 32 -15.40 -8.31 -36.71
N GLU B 33 -16.63 -8.67 -36.32
CA GLU B 33 -17.45 -7.79 -35.49
C GLU B 33 -16.72 -7.44 -34.20
N ALA B 34 -16.16 -8.46 -33.55
CA ALA B 34 -15.43 -8.25 -32.30
C ALA B 34 -14.24 -7.31 -32.50
N THR B 35 -13.54 -7.49 -33.62
CA THR B 35 -12.39 -6.61 -33.90
C THR B 35 -12.82 -5.15 -34.03
N THR B 36 -13.93 -4.93 -34.73
CA THR B 36 -14.47 -3.59 -34.87
C THR B 36 -14.86 -2.98 -33.52
N LEU B 37 -15.57 -3.77 -32.72
CA LEU B 37 -16.04 -3.34 -31.41
C LEU B 37 -14.88 -2.88 -30.56
N LEU B 38 -13.79 -3.66 -30.56
CA LEU B 38 -12.65 -3.38 -29.69
C LEU B 38 -11.80 -2.24 -30.23
N THR B 39 -11.71 -2.13 -31.55
CA THR B 39 -10.95 -1.05 -32.16
C THR B 39 -11.63 0.28 -31.90
N GLN B 40 -12.95 0.31 -32.02
CA GLN B 40 -13.70 1.53 -31.73
C GLN B 40 -13.64 1.90 -30.25
N GLU B 41 -13.72 0.90 -29.37
CA GLU B 41 -13.56 1.15 -27.94
C GLU B 41 -12.20 1.76 -27.64
N ALA B 42 -11.15 1.20 -28.22
CA ALA B 42 -9.80 1.68 -27.97
C ALA B 42 -9.58 3.10 -28.50
N HIS B 43 -10.25 3.42 -29.60
CA HIS B 43 -10.15 4.76 -30.18
C HIS B 43 -10.78 5.78 -29.23
N LEU B 44 -11.98 5.48 -28.73
CA LEU B 44 -12.64 6.37 -27.78
C LEU B 44 -11.79 6.60 -26.54
N LEU B 45 -11.22 5.52 -26.00
CA LEU B 45 -10.35 5.66 -24.84
C LEU B 45 -9.08 6.44 -25.18
N ASP B 46 -8.51 6.21 -26.36
CA ASP B 46 -7.24 6.88 -26.69
C ASP B 46 -7.38 8.38 -26.79
N ILE B 47 -8.53 8.84 -27.26
CA ILE B 47 -8.77 10.28 -27.38
C ILE B 47 -9.40 10.85 -26.12
N GLN B 48 -9.49 9.99 -25.09
CA GLN B 48 -9.98 10.38 -23.76
C GLN B 48 -11.42 10.83 -23.77
N ALA B 49 -12.19 10.23 -24.68
CA ALA B 49 -13.63 10.42 -24.72
C ALA B 49 -14.28 9.44 -23.75
N TYR B 50 -14.03 9.66 -22.46
CA TYR B 50 -14.47 8.72 -21.44
C TYR B 50 -15.99 8.68 -21.27
N ARG B 51 -16.69 9.80 -21.47
CA ARG B 51 -18.14 9.76 -21.38
C ARG B 51 -18.72 8.99 -22.54
N ALA B 52 -18.16 9.22 -23.72
CA ALA B 52 -18.58 8.47 -24.91
C ALA B 52 -18.33 6.97 -24.74
N TRP B 53 -17.20 6.61 -24.13
CA TRP B 53 -16.88 5.23 -23.85
C TRP B 53 -17.97 4.59 -22.96
N LEU B 54 -18.31 5.28 -21.88
CA LEU B 54 -19.37 4.79 -21.00
C LEU B 54 -20.71 4.63 -21.74
N GLU B 55 -21.07 5.65 -22.52
CA GLU B 55 -22.36 5.65 -23.22
C GLU B 55 -22.45 4.58 -24.30
N HIS B 56 -21.35 4.40 -25.03
CA HIS B 56 -21.39 3.56 -26.21
C HIS B 56 -20.84 2.15 -26.01
N CYS B 57 -19.97 1.98 -25.01
CA CYS B 57 -19.23 0.72 -24.89
C CYS B 57 -19.49 -0.08 -23.63
N VAL B 58 -20.09 0.55 -22.62
CA VAL B 58 -20.16 -0.06 -21.30
C VAL B 58 -21.60 -0.31 -20.85
N GLY B 59 -21.90 -1.58 -20.56
CA GLY B 59 -23.24 -1.96 -20.16
C GLY B 59 -23.56 -1.58 -18.74
N SER B 60 -24.83 -1.34 -18.45
CA SER B 60 -25.24 -0.89 -17.11
C SER B 60 -24.90 -1.91 -16.03
N GLU B 61 -24.88 -3.20 -16.40
CA GLU B 61 -24.60 -4.29 -15.46
C GLU B 61 -23.12 -4.70 -15.42
N VAL B 62 -22.25 -3.83 -15.91
CA VAL B 62 -20.84 -4.20 -16.06
C VAL B 62 -20.15 -4.56 -14.73
N GLN B 63 -19.25 -5.55 -14.80
CA GLN B 63 -18.20 -5.73 -13.80
C GLN B 63 -16.88 -5.55 -14.54
N TYR B 64 -16.11 -4.55 -14.13
CA TYR B 64 -14.85 -4.22 -14.77
C TYR B 64 -13.75 -4.52 -13.75
N GLN B 65 -13.01 -5.61 -13.98
CA GLN B 65 -12.13 -6.15 -12.95
C GLN B 65 -10.72 -6.42 -13.45
N VAL B 66 -9.74 -5.91 -12.70
CA VAL B 66 -8.33 -6.20 -12.93
C VAL B 66 -7.76 -6.69 -11.61
N ILE B 67 -7.20 -7.89 -11.60
CA ILE B 67 -6.63 -8.42 -10.36
C ILE B 67 -5.11 -8.48 -10.37
N SER B 68 -4.54 -8.50 -9.17
CA SER B 68 -3.12 -8.78 -8.99
C SER B 68 -3.02 -10.00 -8.09
N ARG B 69 -2.41 -11.05 -8.61
CA ARG B 69 -2.31 -12.34 -7.92
C ARG B 69 -1.01 -12.46 -7.15
N GLU B 70 -1.10 -12.85 -5.88
CA GLU B 70 0.08 -13.04 -5.06
C GLU B 70 0.93 -14.19 -5.61
N LEU B 71 2.25 -14.02 -5.57
CA LEU B 71 3.14 -15.07 -6.07
C LEU B 71 3.21 -16.20 -5.06
N ARG B 72 2.83 -17.39 -5.49
CA ARG B 72 2.79 -18.56 -4.61
C ARG B 72 3.58 -19.68 -5.26
N ALA B 73 3.98 -20.66 -4.46
CA ALA B 73 4.75 -21.78 -4.99
C ALA B 73 3.90 -22.60 -5.95
N ALA B 74 4.53 -23.11 -7.00
CA ALA B 74 3.80 -23.93 -7.96
C ALA B 74 3.24 -25.18 -7.29
N SER B 75 3.93 -25.64 -6.24
CA SER B 75 3.55 -26.86 -5.54
C SER B 75 2.72 -26.60 -4.30
N GLU B 76 2.33 -25.35 -4.08
CA GLU B 76 1.59 -24.98 -2.87
C GLU B 76 0.20 -25.60 -2.84
N ARG B 77 -0.11 -26.30 -1.75
CA ARG B 77 -1.45 -26.88 -1.61
C ARG B 77 -2.03 -26.77 -0.20
N ARG B 78 -1.42 -25.97 0.67
CA ARG B 78 -1.93 -25.79 2.01
C ARG B 78 -2.41 -24.38 2.33
N TYR B 79 -1.64 -23.38 1.92
CA TYR B 79 -1.95 -21.97 2.18
C TYR B 79 -3.15 -21.51 1.34
N LYS B 80 -4.23 -21.09 2.02
CA LYS B 80 -5.54 -20.88 1.37
C LYS B 80 -6.08 -19.45 1.38
N LEU B 81 -5.34 -18.49 1.90
CA LEU B 81 -5.88 -17.14 2.04
C LEU B 81 -5.99 -16.45 0.70
N ASN B 82 -6.74 -15.33 0.69
CA ASN B 82 -7.00 -14.54 -0.51
C ASN B 82 -5.86 -14.57 -1.51
N GLU B 83 -6.11 -15.12 -2.69
CA GLU B 83 -5.08 -15.31 -3.70
C GLU B 83 -4.77 -14.03 -4.46
N ALA B 84 -5.73 -13.11 -4.50
CA ALA B 84 -5.58 -11.91 -5.33
C ALA B 84 -6.24 -10.71 -4.68
N MET B 85 -5.80 -9.52 -5.07
CA MET B 85 -6.52 -8.30 -4.71
C MET B 85 -7.09 -7.67 -5.98
N ASN B 86 -8.02 -6.74 -5.82
CA ASN B 86 -8.63 -6.08 -6.97
C ASN B 86 -8.04 -4.69 -7.20
N VAL B 87 -7.27 -4.57 -8.26
CA VAL B 87 -6.79 -3.27 -8.71
C VAL B 87 -7.99 -2.46 -9.20
N TYR B 88 -8.86 -3.13 -9.96
CA TYR B 88 -10.19 -2.62 -10.29
C TYR B 88 -11.21 -3.72 -9.99
N ASN B 89 -12.39 -3.32 -9.52
CA ASN B 89 -13.54 -4.21 -9.47
C ASN B 89 -14.78 -3.34 -9.47
N GLU B 90 -15.08 -2.77 -10.62
CA GLU B 90 -16.01 -1.66 -10.70
C GLU B 90 -17.34 -2.02 -11.32
N ASN B 91 -18.43 -1.53 -10.71
CA ASN B 91 -19.73 -1.50 -11.39
C ASN B 91 -19.83 -0.22 -12.21
N PHE B 92 -20.95 0.00 -12.88
CA PHE B 92 -21.09 1.17 -13.76
C PHE B 92 -20.92 2.47 -13.01
N GLN B 93 -21.53 2.58 -11.83
CA GLN B 93 -21.44 3.83 -11.08
C GLN B 93 -20.01 4.12 -10.63
N GLN B 94 -19.26 3.06 -10.31
CA GLN B 94 -17.87 3.21 -9.92
C GLN B 94 -16.98 3.63 -11.11
N LEU B 95 -17.25 3.08 -12.29
CA LEU B 95 -16.58 3.58 -13.49
C LEU B 95 -16.91 5.06 -13.73
N LYS B 96 -18.17 5.44 -13.50
CA LYS B 96 -18.57 6.83 -13.69
C LYS B 96 -17.79 7.77 -12.76
N VAL B 97 -17.61 7.36 -11.50
CA VAL B 97 -16.79 8.13 -10.56
C VAL B 97 -15.38 8.35 -11.11
N ARG B 98 -14.79 7.27 -11.64
CA ARG B 98 -13.44 7.37 -12.19
C ARG B 98 -13.41 8.29 -13.41
N VAL B 99 -14.47 8.22 -14.23
CA VAL B 99 -14.58 9.08 -15.40
C VAL B 99 -14.70 10.55 -14.98
N GLU B 100 -15.54 10.82 -13.98
CA GLU B 100 -15.67 12.20 -13.49
C GLU B 100 -14.35 12.71 -12.91
N HIS B 101 -13.61 11.82 -12.27
CA HIS B 101 -12.31 12.19 -11.72
C HIS B 101 -11.35 12.58 -12.85
N GLN B 102 -11.40 11.85 -13.96
CA GLN B 102 -10.57 12.18 -15.11
C GLN B 102 -10.94 13.54 -15.71
N LEU B 103 -12.23 13.84 -15.72
CA LEU B 103 -12.71 15.04 -16.41
C LEU B 103 -12.72 16.29 -15.55
N ASP B 104 -12.48 16.14 -14.25
CA ASP B 104 -12.53 17.26 -13.33
C ASP B 104 -11.44 18.28 -13.65
N PRO B 105 -11.79 19.57 -13.72
CA PRO B 105 -10.78 20.57 -14.10
C PRO B 105 -9.73 20.81 -13.00
N GLN B 106 -9.94 20.23 -11.82
CA GLN B 106 -8.92 20.31 -10.77
C GLN B 106 -8.15 19.01 -10.60
N ASN B 107 -8.26 18.12 -11.59
CA ASN B 107 -7.36 16.98 -11.66
C ASN B 107 -6.04 17.49 -12.21
N TRP B 108 -5.14 17.88 -11.32
CA TRP B 108 -3.93 18.58 -11.72
C TRP B 108 -3.00 17.70 -12.57
N GLY B 109 -3.06 16.39 -12.35
CA GLY B 109 -2.20 15.46 -13.07
C GLY B 109 -2.54 15.38 -14.56
N ASN B 110 -3.70 15.90 -14.94
CA ASN B 110 -4.12 15.85 -16.33
C ASN B 110 -3.78 17.11 -17.12
N SER B 111 -2.92 17.95 -16.55
CA SER B 111 -2.40 19.12 -17.24
C SER B 111 -0.89 19.15 -17.08
N PRO B 112 -0.14 19.08 -18.20
CA PRO B 112 -0.63 19.05 -19.59
C PRO B 112 -1.31 17.73 -19.95
N LYS B 113 -2.14 17.77 -20.97
CA LYS B 113 -2.96 16.63 -21.37
C LYS B 113 -2.12 15.40 -21.63
N LEU B 114 -2.56 14.27 -21.10
CA LEU B 114 -1.90 12.98 -21.32
C LEU B 114 -2.04 12.53 -22.76
N ARG B 115 -1.20 11.59 -23.16
CA ARG B 115 -1.31 10.98 -24.48
C ARG B 115 -1.39 9.46 -24.36
N PHE B 116 -2.44 8.88 -24.93
CA PHE B 116 -2.67 7.44 -24.90
C PHE B 116 -2.64 6.85 -26.30
N THR B 117 -2.00 5.69 -26.42
CA THR B 117 -2.03 4.91 -27.66
C THR B 117 -2.20 3.44 -27.30
N ARG B 118 -3.26 2.82 -27.82
CA ARG B 118 -3.58 1.42 -27.52
C ARG B 118 -3.42 0.52 -28.74
N PHE B 119 -2.88 -0.67 -28.51
CA PHE B 119 -2.67 -1.64 -29.58
C PHE B 119 -3.42 -2.90 -29.19
N ILE B 120 -4.48 -3.21 -29.93
CA ILE B 120 -5.32 -4.36 -29.64
C ILE B 120 -5.01 -5.48 -30.63
N THR B 121 -4.69 -6.67 -30.13
CA THR B 121 -4.32 -7.81 -31.00
C THR B 121 -4.96 -9.11 -30.52
N ASN B 122 -4.78 -10.18 -31.30
CA ASN B 122 -5.17 -11.53 -30.88
C ASN B 122 -6.65 -11.65 -30.54
N VAL B 123 -7.50 -11.00 -31.32
CA VAL B 123 -8.94 -11.01 -31.04
C VAL B 123 -9.55 -12.38 -31.33
N GLN B 124 -10.30 -12.91 -30.37
CA GLN B 124 -11.08 -14.13 -30.58
C GLN B 124 -12.48 -13.88 -30.06
N ALA B 125 -13.47 -14.50 -30.71
CA ALA B 125 -14.85 -14.29 -30.32
C ALA B 125 -15.65 -15.58 -30.42
N ALA B 126 -16.56 -15.78 -29.47
CA ALA B 126 -17.46 -16.93 -29.50
C ALA B 126 -18.74 -16.63 -28.75
N MET B 127 -19.88 -17.05 -29.29
CA MET B 127 -21.12 -16.91 -28.55
C MET B 127 -21.15 -17.88 -27.38
N ASP B 128 -21.77 -17.46 -26.28
CA ASP B 128 -22.03 -18.33 -25.15
C ASP B 128 -22.97 -19.43 -25.62
N VAL B 129 -22.78 -20.65 -25.11
CA VAL B 129 -23.58 -21.80 -25.55
C VAL B 129 -24.96 -21.81 -24.92
N ASN B 130 -25.13 -21.06 -23.84
CA ASN B 130 -26.38 -21.12 -23.08
C ASN B 130 -27.15 -19.80 -23.06
N ASP B 131 -26.44 -18.68 -23.08
CA ASP B 131 -27.05 -17.38 -23.36
C ASP B 131 -26.64 -16.97 -24.77
N LYS B 132 -27.52 -17.18 -25.74
CA LYS B 132 -27.20 -16.90 -27.14
C LYS B 132 -27.06 -15.42 -27.46
N GLU B 133 -27.24 -14.56 -26.45
CA GLU B 133 -27.05 -13.13 -26.63
C GLU B 133 -25.78 -12.65 -25.93
N LEU B 134 -25.06 -13.60 -25.33
CA LEU B 134 -23.83 -13.26 -24.64
C LEU B 134 -22.63 -13.60 -25.52
N LEU B 135 -21.83 -12.58 -25.84
CA LEU B 135 -20.66 -12.76 -26.68
C LEU B 135 -19.36 -12.76 -25.85
N HIS B 136 -18.59 -13.84 -25.93
CA HIS B 136 -17.27 -13.86 -25.31
C HIS B 136 -16.23 -13.32 -26.28
N ILE B 137 -15.44 -12.35 -25.83
CA ILE B 137 -14.36 -11.80 -26.63
C ILE B 137 -13.07 -11.80 -25.83
N ARG B 138 -12.02 -12.36 -26.42
CA ARG B 138 -10.71 -12.31 -25.80
C ARG B 138 -9.82 -11.45 -26.69
N SER B 139 -8.97 -10.64 -26.08
CA SER B 139 -8.02 -9.82 -26.85
C SER B 139 -6.88 -9.40 -25.93
N ASN B 140 -5.73 -9.10 -26.53
CA ASN B 140 -4.59 -8.60 -25.78
C ASN B 140 -4.38 -7.12 -26.08
N VAL B 141 -3.90 -6.38 -25.07
CA VAL B 141 -3.66 -4.96 -25.23
C VAL B 141 -2.26 -4.56 -24.82
N ILE B 142 -1.61 -3.74 -25.66
CA ILE B 142 -0.47 -2.95 -25.22
C ILE B 142 -0.98 -1.52 -25.11
N LEU B 143 -0.76 -0.91 -23.96
CA LEU B 143 -1.25 0.45 -23.72
C LEU B 143 -0.06 1.33 -23.38
N HIS B 144 0.16 2.34 -24.21
CA HIS B 144 1.26 3.30 -24.05
C HIS B 144 0.70 4.62 -23.52
N ARG B 145 1.20 5.06 -22.37
CA ARG B 145 0.80 6.34 -21.79
C ARG B 145 2.01 7.27 -21.64
N ALA B 146 1.94 8.44 -22.25
CA ALA B 146 3.05 9.39 -22.18
C ALA B 146 2.59 10.70 -21.59
N ARG B 147 3.41 11.28 -20.72
CA ARG B 147 3.04 12.54 -20.09
C ARG B 147 4.28 13.29 -19.60
N ARG B 148 4.13 14.60 -19.44
CA ARG B 148 5.10 15.41 -18.70
C ARG B 148 6.51 15.37 -19.29
N GLY B 149 6.59 15.25 -20.61
CA GLY B 149 7.86 15.33 -21.31
C GLY B 149 8.58 14.00 -21.48
N ASN B 150 8.88 13.34 -20.36
CA ASN B 150 9.69 12.14 -20.43
C ASN B 150 9.17 10.97 -19.60
N GLN B 151 7.90 11.03 -19.21
CA GLN B 151 7.31 9.88 -18.52
C GLN B 151 6.63 8.99 -19.56
N VAL B 152 7.00 7.73 -19.56
CA VAL B 152 6.46 6.78 -20.53
C VAL B 152 6.18 5.48 -19.80
N ASP B 153 4.92 5.05 -19.83
CA ASP B 153 4.53 3.81 -19.17
C ASP B 153 3.81 2.92 -20.15
N VAL B 154 4.25 1.66 -20.22
CA VAL B 154 3.65 0.71 -21.14
C VAL B 154 3.07 -0.48 -20.39
N PHE B 155 1.80 -0.74 -20.64
CA PHE B 155 1.05 -1.80 -19.96
C PHE B 155 0.78 -2.93 -20.96
N TYR B 156 0.74 -4.17 -20.46
CA TYR B 156 0.56 -5.36 -21.29
C TYR B 156 -0.44 -6.27 -20.58
N ALA B 157 -1.48 -6.73 -21.27
CA ALA B 157 -2.48 -7.56 -20.62
C ALA B 157 -3.33 -8.35 -21.60
N ALA B 158 -3.88 -9.47 -21.12
CA ALA B 158 -4.89 -10.24 -21.84
C ALA B 158 -6.23 -9.91 -21.21
N ARG B 159 -7.27 -9.74 -22.04
CA ARG B 159 -8.58 -9.33 -21.55
C ARG B 159 -9.61 -10.38 -21.85
N GLU B 160 -10.29 -10.89 -20.81
CA GLU B 160 -11.41 -11.80 -21.03
C GLU B 160 -12.71 -11.01 -20.87
N ASP B 161 -13.40 -10.75 -21.99
CA ASP B 161 -14.61 -9.92 -21.96
C ASP B 161 -15.86 -10.73 -22.23
N LYS B 162 -16.97 -10.20 -21.71
CA LYS B 162 -18.30 -10.59 -22.15
C LYS B 162 -19.01 -9.33 -22.64
N TRP B 163 -19.63 -9.43 -23.81
CA TRP B 163 -20.33 -8.30 -24.41
C TRP B 163 -21.77 -8.72 -24.72
N LYS B 164 -22.70 -7.80 -24.56
CA LYS B 164 -24.10 -8.10 -24.79
C LYS B 164 -24.82 -6.92 -25.41
N ARG B 165 -25.80 -7.18 -26.29
CA ARG B 165 -26.58 -6.09 -26.89
C ARG B 165 -27.43 -5.36 -25.87
N GLY B 166 -27.23 -4.05 -25.77
CA GLY B 166 -28.00 -3.23 -24.86
C GLY B 166 -28.93 -2.29 -25.60
N GLU B 167 -28.97 -1.03 -25.15
CA GLU B 167 -29.86 -0.05 -25.73
C GLU B 167 -29.54 0.23 -27.20
N GLY B 168 -30.58 0.28 -28.01
CA GLY B 168 -30.45 0.49 -29.45
C GLY B 168 -29.84 -0.69 -30.17
N GLY B 169 -29.70 -1.80 -29.45
CA GLY B 169 -29.11 -3.00 -30.01
C GLY B 169 -27.59 -2.94 -30.08
N VAL B 170 -27.01 -1.94 -29.42
CA VAL B 170 -25.56 -1.76 -29.43
C VAL B 170 -24.90 -2.73 -28.46
N ARG B 171 -23.92 -3.50 -28.93
CA ARG B 171 -23.20 -4.43 -28.08
C ARG B 171 -22.33 -3.67 -27.08
N LYS B 172 -22.48 -4.00 -25.80
CA LYS B 172 -21.73 -3.31 -24.76
C LYS B 172 -21.06 -4.29 -23.81
N LEU B 173 -19.99 -3.81 -23.18
CA LEU B 173 -19.20 -4.60 -22.25
C LEU B 173 -20.00 -4.86 -20.97
N VAL B 174 -20.19 -6.14 -20.63
CA VAL B 174 -20.86 -6.47 -19.37
C VAL B 174 -19.88 -7.11 -18.37
N GLN B 175 -18.75 -7.56 -18.87
CA GLN B 175 -17.68 -8.02 -17.99
C GLN B 175 -16.33 -7.91 -18.68
N ARG B 176 -15.35 -7.33 -17.98
CA ARG B 176 -13.96 -7.45 -18.40
C ARG B 176 -13.18 -8.02 -17.22
N PHE B 177 -12.36 -9.03 -17.49
CA PHE B 177 -11.48 -9.61 -16.48
C PHE B 177 -10.06 -9.61 -16.99
N VAL B 178 -9.17 -9.01 -16.22
CA VAL B 178 -7.75 -9.02 -16.51
C VAL B 178 -7.02 -9.51 -15.27
N ASP B 179 -6.13 -10.49 -15.47
CA ASP B 179 -5.25 -10.95 -14.43
C ASP B 179 -3.90 -10.32 -14.79
N TYR B 180 -3.56 -9.21 -14.13
CA TYR B 180 -2.41 -8.44 -14.59
C TYR B 180 -1.11 -9.21 -14.43
N PRO B 181 -0.31 -9.27 -15.50
CA PRO B 181 0.82 -10.22 -15.51
C PRO B 181 2.04 -9.80 -14.69
N GLU B 182 2.21 -8.50 -14.41
CA GLU B 182 3.33 -8.04 -13.60
C GLU B 182 2.86 -7.84 -12.17
N ARG B 183 3.52 -8.49 -11.22
CA ARG B 183 3.09 -8.43 -9.83
C ARG B 183 3.40 -7.07 -9.21
N ILE B 184 4.61 -6.56 -9.46
CA ILE B 184 4.97 -5.22 -8.96
C ILE B 184 4.94 -4.26 -10.14
N LEU B 185 4.05 -3.29 -10.09
CA LEU B 185 3.91 -2.33 -11.20
C LEU B 185 5.12 -1.41 -11.28
N GLN B 186 5.62 -1.21 -12.49
CA GLN B 186 6.76 -0.31 -12.72
C GLN B 186 6.32 0.86 -13.61
N THR B 187 5.06 1.26 -13.45
CA THR B 187 4.42 2.25 -14.30
C THR B 187 3.82 3.40 -13.47
N HIS B 188 4.35 3.60 -12.26
CA HIS B 188 3.89 4.62 -11.30
C HIS B 188 2.50 4.32 -10.70
N ASN B 189 1.60 3.79 -11.51
CA ASN B 189 0.26 3.39 -11.05
C ASN B 189 -0.39 2.55 -12.14
N LEU B 190 -1.61 2.07 -11.91
CA LEU B 190 -2.37 1.40 -12.98
C LEU B 190 -3.61 2.22 -13.34
N MET B 191 -3.45 3.54 -13.35
CA MET B 191 -4.57 4.44 -13.60
C MET B 191 -4.90 4.57 -15.07
N VAL B 192 -5.06 3.44 -15.75
CA VAL B 192 -5.47 3.44 -17.15
C VAL B 192 -6.57 2.42 -17.30
N PHE B 193 -7.48 2.64 -18.26
CA PHE B 193 -8.51 1.66 -18.53
C PHE B 193 -7.98 0.63 -19.52
N LEU B 194 -7.68 -0.56 -19.03
CA LEU B 194 -7.24 -1.65 -19.89
C LEU B 194 -8.43 -2.20 -20.62
C1 EDO C . 18.11 -2.31 6.90
O1 EDO C . 18.84 -3.51 7.21
C2 EDO C . 18.66 -1.67 5.62
O2 EDO C . 18.27 -2.45 4.48
C1 EDO D . 12.95 23.82 -0.93
O1 EDO D . 13.66 23.68 -2.18
C2 EDO D . 12.03 25.03 -0.97
O2 EDO D . 12.80 26.23 -0.89
S SO4 E . 26.14 -30.05 13.64
O1 SO4 E . 26.38 -30.13 12.21
O2 SO4 E . 26.30 -28.67 14.09
O3 SO4 E . 24.79 -30.50 13.92
O4 SO4 E . 27.10 -30.90 14.36
FE1 FES F . 24.58 -23.24 -2.09
FE2 FES F . 22.31 -22.19 -1.22
S1 FES F . 22.90 -24.27 -1.13
S2 FES F . 23.90 -21.17 -2.31
FE FE G . -2.78 12.80 -0.46
C9 16M H . -2.91 11.42 3.98
C9 16M H . -7.38 12.32 5.52
C9 16M H . -3.17 13.00 5.20
C9 16M H . -6.97 10.87 3.23
C8 16M H . -2.73 12.54 4.99
C8 16M H . -7.95 11.78 4.23
C8 16M H . -2.63 11.72 4.71
C8 16M H . -7.76 11.61 4.26
S7 16M H . -4.28 13.12 5.56
S7 16M H . -6.67 10.93 3.43
S7 16M H . -3.63 11.10 3.47
S7 16M H . -6.72 12.38 5.46
C4 16M H . -5.50 12.28 4.89
C4 16M H . -5.19 11.53 4.04
C4 16M H . -5.17 11.43 3.99
C4 16M H . -5.15 12.25 4.98
C3 16M H . -5.19 11.49 3.84
C3 16M H . -5.15 12.51 5.02
C3 16M H . -5.34 12.26 5.08
C3 16M H . -4.88 11.32 4.02
C5 16M H . -6.76 12.42 5.38
C5 16M H . -3.99 11.06 3.56
C5 16M H . -6.25 10.88 3.29
C5 16M H . -4.16 13.00 5.54
C6 16M H . -7.76 11.74 4.72
C6 16M H . -2.83 11.57 4.08
C6 16M H . -7.48 11.15 3.71
C6 16M H . -2.88 12.71 5.08
C1 16M H . -7.43 10.94 3.66
C1 16M H . -2.82 12.56 5.03
C1 16M H . -7.67 11.94 4.80
C1 16M H . -2.68 11.77 4.10
C2 16M H . -6.20 10.81 3.19
C2 16M H . -4.02 13.06 5.51
C2 16M H . -6.62 12.48 5.50
C2 16M H . -3.65 11.06 3.52
C1 EDO I . -8.82 5.04 -15.63
O1 EDO I . -7.91 4.83 -14.53
C2 EDO I . -8.65 6.44 -16.21
O2 EDO I . -7.37 6.53 -16.83
C1 EDO J . -20.40 -3.43 -4.39
O1 EDO J . -19.55 -2.28 -4.58
C2 EDO J . -21.49 -3.50 -5.46
O2 EDO J . -20.94 -3.92 -6.71
C1 EDO K . -7.24 -13.67 -17.75
O1 EDO K . -6.17 -14.39 -18.35
C2 EDO K . -7.19 -12.23 -18.24
O2 EDO K . -5.86 -11.71 -18.06
C1 EDO L . -3.66 -19.97 6.30
O1 EDO L . -3.23 -20.79 7.38
C2 EDO L . -4.84 -20.63 5.58
O2 EDO L . -4.36 -21.72 4.78
S SO4 M . -15.35 -12.25 -8.28
O1 SO4 M . -14.01 -11.68 -8.11
O2 SO4 M . -16.32 -11.17 -8.47
O3 SO4 M . -15.36 -13.12 -9.46
O4 SO4 M . -15.70 -13.03 -7.09
S SO4 N . -27.39 -0.60 -21.46
O1 SO4 N . -27.21 -0.38 -22.90
O2 SO4 N . -27.19 0.66 -20.75
O3 SO4 N . -28.74 -1.12 -21.21
O4 SO4 N . -26.44 -1.57 -20.97
C1 EDO O . 19.78 -35.74 -0.81
O1 EDO O . 19.73 -34.42 -0.30
C2 EDO O . 21.19 -36.32 -0.63
O2 EDO O . 21.53 -36.40 0.77
C1 EDO P . -9.72 -12.52 -6.11
O1 EDO P . -9.69 -11.07 -6.01
C2 EDO P . -9.87 -13.20 -4.74
O2 EDO P . -8.67 -13.86 -4.33
S SO4 Q . 10.87 11.91 28.15
O1 SO4 Q . 12.14 11.71 27.45
O2 SO4 Q . 10.65 13.34 28.36
O3 SO4 Q . 9.78 11.31 27.38
O4 SO4 Q . 10.93 11.26 29.46
#